data_2AJR
#
_entry.id   2AJR
#
_cell.length_a   115.796
_cell.length_b   115.796
_cell.length_c   124.828
_cell.angle_alpha   90.000
_cell.angle_beta   90.000
_cell.angle_gamma   90.000
#
_symmetry.space_group_name_H-M   'P 41 21 2'
#
loop_
_entity.id
_entity.type
_entity.pdbx_description
1 polymer 'sugar kinase, pfkB family'
2 non-polymer 'MAGNESIUM ION'
3 non-polymer 'ACETATE ION'
4 water water
#
_entity_poly.entity_id   1
_entity_poly.type   'polypeptide(L)'
_entity_poly.pdbx_seq_one_letter_code
;(MSE)GSDKIHHHHHH(MSE)VLTVTLNPALDREIFIEDFQVNRLYRINDLSKTQ(MSE)SPGGKGINVSIALSKLGVPS
VATGFVGGY(MSE)GKILVEELRKISKLITTNFVYVEGETRENIEIIDEKNKTITAINFPGPDVTD(MSE)DVNHFLRRY
K(MSE)TLSKVDCVVISGSIPPGVNEGICNELVRLARERGVFVFVEQTPRLLERIYEGPEFPNVVKPDLRGNHASFLGVD
LKTFDDYVKLAEKLAEKSQVSVVSYEVKNDIVATREGVWLIRSKEEIDTSHLLGAGDAYVAG(MSE)VYYFIKHGANFLE
(MSE)AKFGFASALAATRRKEKY(MSE)PDLEAIKKEYDHFTVERVK
;
_entity_poly.pdbx_strand_id   A,B
#
loop_
_chem_comp.id
_chem_comp.type
_chem_comp.name
_chem_comp.formula
ACT non-polymer 'ACETATE ION' 'C2 H3 O2 -1'
MG non-polymer 'MAGNESIUM ION' 'Mg 2'
#
# COMPACT_ATOMS: atom_id res chain seq x y z
N HIS A 12 -30.84 23.33 2.60
CA HIS A 12 -30.61 21.87 2.38
C HIS A 12 -29.14 21.55 2.69
N MSE A 13 -28.91 20.35 3.23
CA MSE A 13 -27.60 19.93 3.75
C MSE A 13 -27.63 18.39 3.91
O MSE A 13 -28.62 17.84 4.39
CB MSE A 13 -27.30 20.63 5.08
CG MSE A 13 -26.33 19.91 6.05
SE MSE A 13 -24.41 20.52 6.09
CE MSE A 13 -24.72 22.47 6.61
N VAL A 14 -26.54 17.74 3.51
CA VAL A 14 -26.50 16.29 3.41
C VAL A 14 -25.58 15.70 4.48
N LEU A 15 -25.97 14.53 5.00
CA LEU A 15 -25.13 13.71 5.88
C LEU A 15 -24.68 12.46 5.12
N THR A 16 -23.36 12.24 5.03
CA THR A 16 -22.84 11.00 4.46
C THR A 16 -22.23 10.15 5.57
N VAL A 17 -22.57 8.86 5.55
CA VAL A 17 -22.07 7.91 6.52
C VAL A 17 -21.17 6.93 5.80
N THR A 18 -19.94 6.80 6.28
CA THR A 18 -18.96 5.88 5.71
C THR A 18 -18.35 5.13 6.88
N LEU A 19 -18.94 4.00 7.24
CA LEU A 19 -18.50 3.30 8.42
C LEU A 19 -17.09 2.74 8.24
N ASN A 20 -16.70 2.52 6.99
CA ASN A 20 -15.39 1.95 6.66
C ASN A 20 -14.63 2.79 5.64
N PRO A 21 -14.16 3.98 6.04
CA PRO A 21 -13.43 4.84 5.10
C PRO A 21 -12.13 4.23 4.65
N ALA A 22 -11.55 4.77 3.58
CA ALA A 22 -10.24 4.31 3.13
C ALA A 22 -9.43 5.45 2.54
N LEU A 23 -8.11 5.34 2.65
CA LEU A 23 -7.20 6.09 1.78
C LEU A 23 -6.98 5.25 0.52
N ASP A 24 -7.28 5.82 -0.63
CA ASP A 24 -7.09 5.13 -1.88
C ASP A 24 -5.73 5.49 -2.42
N ARG A 25 -4.87 4.49 -2.59
CA ARG A 25 -3.63 4.69 -3.30
C ARG A 25 -3.75 4.14 -4.72
N GLU A 26 -3.89 5.05 -5.67
CA GLU A 26 -3.93 4.70 -7.10
C GLU A 26 -2.53 4.74 -7.71
N ILE A 27 -2.22 3.72 -8.48
CA ILE A 27 -0.92 3.60 -9.10
C ILE A 27 -1.20 3.25 -10.56
N PHE A 28 -0.56 3.96 -11.48
CA PHE A 28 -0.83 3.82 -12.91
C PHE A 28 0.40 3.24 -13.57
N ILE A 29 0.29 1.99 -13.99
CA ILE A 29 1.37 1.24 -14.59
C ILE A 29 0.86 0.60 -15.88
N GLU A 30 1.45 0.98 -16.98
CA GLU A 30 1.12 0.35 -18.26
C GLU A 30 1.84 -1.02 -18.37
N ASP A 31 1.09 -2.03 -18.84
CA ASP A 31 1.56 -3.43 -18.94
C ASP A 31 1.97 -3.95 -17.58
N PHE A 32 1.07 -3.77 -16.62
CA PHE A 32 1.28 -4.32 -15.31
C PHE A 32 1.13 -5.84 -15.37
N GLN A 33 2.18 -6.52 -14.95
CA GLN A 33 2.16 -7.95 -14.80
C GLN A 33 2.79 -8.36 -13.48
N VAL A 34 2.46 -9.58 -13.09
CA VAL A 34 2.77 -10.13 -11.79
C VAL A 34 4.22 -10.60 -11.78
N ASN A 35 4.83 -10.63 -10.61
CA ASN A 35 6.22 -11.11 -10.45
C ASN A 35 7.29 -10.22 -11.13
N ARG A 36 7.10 -8.90 -11.06
CA ARG A 36 8.09 -7.92 -11.51
C ARG A 36 8.17 -6.73 -10.55
N LEU A 37 9.33 -6.07 -10.54
CA LEU A 37 9.54 -4.85 -9.75
C LEU A 37 9.22 -3.64 -10.60
N TYR A 38 8.39 -2.75 -10.09
CA TYR A 38 8.13 -1.49 -10.79
C TYR A 38 8.62 -0.29 -9.98
N ARG A 39 9.44 0.56 -10.61
CA ARG A 39 9.85 1.83 -10.04
C ARG A 39 9.02 2.97 -10.61
N ILE A 40 8.12 3.54 -9.81
CA ILE A 40 7.36 4.69 -10.25
C ILE A 40 8.22 5.95 -10.03
N ASN A 41 8.87 6.44 -11.08
CA ASN A 41 9.69 7.69 -11.01
C ASN A 41 8.81 8.94 -11.10
N ASP A 42 7.96 8.93 -12.11
CA ASP A 42 6.98 9.97 -12.37
C ASP A 42 6.00 10.07 -11.20
N LEU A 43 5.97 11.22 -10.53
CA LEU A 43 5.06 11.41 -9.39
C LEU A 43 3.59 11.52 -9.84
N SER A 44 3.38 11.75 -11.13
CA SER A 44 2.03 11.78 -11.70
C SER A 44 1.44 10.40 -12.03
N LYS A 45 2.18 9.33 -11.78
CA LYS A 45 1.66 7.98 -12.00
C LYS A 45 1.21 7.33 -10.69
N THR A 46 1.11 8.17 -9.66
CA THR A 46 0.49 7.78 -8.43
C THR A 46 -0.41 8.91 -7.92
N GLN A 47 -1.41 8.53 -7.16
CA GLN A 47 -2.39 9.46 -6.64
C GLN A 47 -2.85 8.91 -5.32
N MSE A 48 -3.06 9.79 -4.36
CA MSE A 48 -3.55 9.36 -3.07
C MSE A 48 -4.61 10.28 -2.56
O MSE A 48 -4.44 11.50 -2.58
CB MSE A 48 -2.39 9.24 -2.11
CG MSE A 48 -2.70 8.31 -0.97
SE MSE A 48 -3.02 9.26 0.69
CE MSE A 48 -3.76 11.06 0.17
N SER A 49 -5.72 9.72 -2.11
CA SER A 49 -6.86 10.54 -1.77
C SER A 49 -7.77 9.85 -0.78
N PRO A 50 -8.54 10.63 0.00
CA PRO A 50 -9.59 10.09 0.83
C PRO A 50 -10.63 9.36 0.02
N GLY A 51 -11.12 8.23 0.55
CA GLY A 51 -12.08 7.38 -0.11
C GLY A 51 -13.01 6.69 0.86
N GLY A 52 -13.73 5.69 0.36
CA GLY A 52 -14.90 5.17 1.04
C GLY A 52 -16.09 5.80 0.35
N LYS A 53 -17.14 5.03 0.15
CA LYS A 53 -18.22 5.47 -0.72
C LYS A 53 -18.88 6.79 -0.29
N GLY A 54 -19.19 6.94 0.99
CA GLY A 54 -19.85 8.13 1.48
C GLY A 54 -18.95 9.36 1.46
N ILE A 55 -17.67 9.14 1.72
CA ILE A 55 -16.69 10.19 1.64
C ILE A 55 -16.53 10.70 0.21
N ASN A 56 -16.55 9.78 -0.77
CA ASN A 56 -16.47 10.16 -2.18
C ASN A 56 -17.74 10.94 -2.57
N VAL A 57 -18.88 10.57 -1.99
CA VAL A 57 -20.13 11.30 -2.23
C VAL A 57 -20.02 12.72 -1.70
N SER A 58 -19.43 12.90 -0.51
CA SER A 58 -19.13 14.23 0.00
C SER A 58 -18.22 15.02 -0.93
N ILE A 59 -17.16 14.39 -1.41
CA ILE A 59 -16.25 15.05 -2.35
C ILE A 59 -17.05 15.44 -3.61
N ALA A 60 -17.75 14.48 -4.20
CA ALA A 60 -18.65 14.72 -5.34
C ALA A 60 -19.63 15.89 -5.12
N LEU A 61 -20.37 15.87 -4.01
CA LEU A 61 -21.29 16.96 -3.72
C LEU A 61 -20.58 18.32 -3.62
N SER A 62 -19.38 18.34 -3.04
CA SER A 62 -18.61 19.58 -2.91
C SER A 62 -18.29 20.20 -4.28
N LYS A 63 -17.92 19.40 -5.26
CA LYS A 63 -17.64 19.91 -6.61
C LYS A 63 -18.87 20.58 -7.21
N LEU A 64 -20.05 20.19 -6.75
CA LEU A 64 -21.29 20.75 -7.26
C LEU A 64 -21.88 21.81 -6.33
N GLY A 65 -21.07 22.26 -5.38
CA GLY A 65 -21.48 23.34 -4.47
C GLY A 65 -22.45 22.94 -3.37
N VAL A 66 -22.69 21.65 -3.17
CA VAL A 66 -23.56 21.20 -2.09
C VAL A 66 -22.72 20.77 -0.88
N PRO A 67 -22.95 21.38 0.31
CA PRO A 67 -22.20 21.01 1.50
C PRO A 67 -22.68 19.71 2.10
N SER A 68 -21.80 19.06 2.86
CA SER A 68 -22.19 17.85 3.57
C SER A 68 -21.46 17.74 4.88
N VAL A 69 -22.03 16.99 5.82
CA VAL A 69 -21.29 16.46 6.97
C VAL A 69 -20.93 15.01 6.69
N ALA A 70 -19.64 14.68 6.84
CA ALA A 70 -19.16 13.33 6.63
C ALA A 70 -18.93 12.67 7.98
N THR A 71 -19.57 11.52 8.21
CA THR A 71 -19.33 10.76 9.43
C THR A 71 -18.95 9.29 9.18
N GLY A 72 -18.56 8.59 10.25
CA GLY A 72 -17.96 7.26 10.18
C GLY A 72 -16.93 7.01 11.26
N PHE A 73 -16.04 6.05 11.03
CA PHE A 73 -14.95 5.78 11.95
C PHE A 73 -13.62 6.04 11.26
N VAL A 74 -12.69 6.69 11.95
CA VAL A 74 -11.34 6.83 11.45
C VAL A 74 -10.40 6.46 12.57
N GLY A 75 -9.17 6.08 12.24
CA GLY A 75 -8.22 5.79 13.30
C GLY A 75 -6.77 5.82 12.90
N GLY A 76 -5.91 5.94 13.89
CA GLY A 76 -4.45 5.89 13.69
C GLY A 76 -3.87 6.90 12.73
N TYR A 77 -2.70 6.57 12.20
CA TYR A 77 -1.97 7.41 11.25
C TYR A 77 -2.74 7.67 9.97
N MSE A 78 -3.33 6.62 9.42
CA MSE A 78 -4.09 6.74 8.20
C MSE A 78 -5.31 7.62 8.44
O MSE A 78 -5.69 8.43 7.59
CB MSE A 78 -4.52 5.36 7.70
CG MSE A 78 -3.35 4.41 7.39
SE MSE A 78 -2.08 5.11 6.09
CE MSE A 78 -0.66 5.78 7.21
N GLY A 79 -5.90 7.46 9.61
CA GLY A 79 -7.04 8.28 9.95
C GLY A 79 -6.70 9.76 9.89
N LYS A 80 -5.56 10.12 10.46
CA LYS A 80 -5.15 11.53 10.50
C LYS A 80 -4.97 12.10 9.11
N ILE A 81 -4.30 11.35 8.26
CA ILE A 81 -4.11 11.75 6.88
C ILE A 81 -5.47 11.94 6.21
N LEU A 82 -6.38 10.98 6.40
CA LEU A 82 -7.69 11.06 5.73
C LEU A 82 -8.42 12.34 6.08
N VAL A 83 -8.49 12.66 7.38
CA VAL A 83 -9.30 13.78 7.83
C VAL A 83 -8.70 15.08 7.31
N GLU A 84 -7.37 15.16 7.34
CA GLU A 84 -6.70 16.39 6.96
C GLU A 84 -6.80 16.61 5.47
N GLU A 85 -6.54 15.56 4.71
CA GLU A 85 -6.69 15.63 3.26
C GLU A 85 -8.10 16.01 2.91
N LEU A 86 -9.06 15.42 3.61
CA LEU A 86 -10.46 15.64 3.30
C LEU A 86 -10.83 17.08 3.52
N ARG A 87 -10.32 17.66 4.59
CA ARG A 87 -10.64 19.04 4.91
C ARG A 87 -10.05 19.99 3.91
N LYS A 88 -8.91 19.62 3.33
CA LYS A 88 -8.27 20.46 2.31
C LYS A 88 -9.06 20.47 1.00
N ILE A 89 -9.88 19.44 0.75
CA ILE A 89 -10.60 19.36 -0.52
C ILE A 89 -11.65 20.48 -0.65
N SER A 90 -12.36 20.79 0.43
CA SER A 90 -13.39 21.84 0.40
C SER A 90 -13.89 22.31 1.76
N LYS A 91 -14.09 23.62 1.90
CA LYS A 91 -14.77 24.20 3.07
C LYS A 91 -16.21 23.64 3.21
N LEU A 92 -16.74 23.09 2.13
CA LEU A 92 -18.11 22.60 2.12
C LEU A 92 -18.33 21.28 2.88
N ILE A 93 -17.25 20.54 3.16
CA ILE A 93 -17.34 19.28 3.88
C ILE A 93 -16.97 19.54 5.33
N THR A 94 -17.87 19.18 6.25
CA THR A 94 -17.57 19.14 7.68
C THR A 94 -17.41 17.68 8.08
N THR A 95 -16.37 17.38 8.85
CA THR A 95 -16.14 16.02 9.30
C THR A 95 -16.70 15.87 10.71
N ASN A 96 -17.19 14.67 11.02
CA ASN A 96 -17.68 14.36 12.35
C ASN A 96 -17.51 12.86 12.63
N PHE A 97 -16.27 12.44 12.69
CA PHE A 97 -15.92 11.03 12.73
C PHE A 97 -15.64 10.59 14.15
N VAL A 98 -16.05 9.39 14.53
CA VAL A 98 -15.62 8.83 15.80
C VAL A 98 -14.25 8.22 15.60
N TYR A 99 -13.30 8.63 16.44
CA TYR A 99 -11.92 8.19 16.37
C TYR A 99 -11.75 6.89 17.13
N VAL A 100 -11.21 5.89 16.47
CA VAL A 100 -11.09 4.56 17.04
C VAL A 100 -9.61 4.18 17.17
N GLU A 101 -9.35 3.15 17.95
CA GLU A 101 -8.01 2.60 18.12
C GLU A 101 -7.85 1.71 16.91
N GLY A 102 -6.75 1.84 16.17
CA GLY A 102 -6.60 1.00 14.96
C GLY A 102 -6.55 1.85 13.73
N GLU A 103 -6.04 1.30 12.65
CA GLU A 103 -5.78 2.07 11.44
C GLU A 103 -6.94 2.10 10.45
N THR A 104 -7.27 3.28 9.97
CA THR A 104 -8.11 3.41 8.80
C THR A 104 -7.41 2.69 7.64
N ARG A 105 -8.14 1.92 6.87
CA ARG A 105 -7.52 1.09 5.85
C ARG A 105 -6.94 1.91 4.70
N GLU A 106 -5.86 1.42 4.11
CA GLU A 106 -5.39 1.98 2.87
C GLU A 106 -5.64 0.92 1.82
N ASN A 107 -6.48 1.23 0.83
CA ASN A 107 -6.70 0.36 -0.31
C ASN A 107 -5.79 0.71 -1.46
N ILE A 108 -5.51 -0.28 -2.30
CA ILE A 108 -4.57 -0.11 -3.42
C ILE A 108 -5.26 -0.47 -4.74
N GLU A 109 -5.19 0.44 -5.70
CA GLU A 109 -5.75 0.21 -7.03
C GLU A 109 -4.64 0.46 -8.06
N ILE A 110 -4.29 -0.59 -8.79
CA ILE A 110 -3.31 -0.51 -9.86
C ILE A 110 -4.08 -0.49 -11.19
N ILE A 111 -3.89 0.56 -11.97
CA ILE A 111 -4.69 0.80 -13.16
C ILE A 111 -3.78 0.76 -14.35
N ASP A 112 -4.06 -0.17 -15.28
CA ASP A 112 -3.25 -0.36 -16.50
C ASP A 112 -4.11 0.10 -17.69
N GLU A 113 -3.90 1.33 -18.12
CA GLU A 113 -4.78 1.98 -19.10
C GLU A 113 -4.65 1.36 -20.50
N LYS A 114 -3.46 0.85 -20.81
CA LYS A 114 -3.21 0.18 -22.07
C LYS A 114 -4.01 -1.13 -22.21
N ASN A 115 -3.94 -1.99 -21.21
CA ASN A 115 -4.61 -3.29 -21.26
C ASN A 115 -5.99 -3.28 -20.62
N LYS A 116 -6.47 -2.08 -20.28
CA LYS A 116 -7.73 -1.87 -19.55
C LYS A 116 -7.88 -2.85 -18.38
N THR A 117 -7.04 -2.69 -17.36
CA THR A 117 -7.14 -3.54 -16.15
C THR A 117 -7.04 -2.73 -14.86
N ILE A 118 -7.85 -3.11 -13.87
CA ILE A 118 -7.76 -2.65 -12.48
C ILE A 118 -7.48 -3.91 -11.66
N THR A 119 -6.35 -3.91 -10.97
CA THR A 119 -6.06 -4.90 -9.95
C THR A 119 -6.24 -4.13 -8.65
N ALA A 120 -7.17 -4.57 -7.81
CA ALA A 120 -7.52 -3.81 -6.60
C ALA A 120 -7.34 -4.67 -5.37
N ILE A 121 -6.81 -4.07 -4.31
CA ILE A 121 -6.62 -4.76 -3.05
C ILE A 121 -7.32 -3.98 -1.94
N ASN A 122 -8.35 -4.59 -1.35
CA ASN A 122 -9.17 -3.92 -0.36
C ASN A 122 -8.98 -4.51 1.00
N PHE A 123 -8.48 -3.66 1.88
CA PHE A 123 -8.23 -4.05 3.23
C PHE A 123 -9.50 -3.91 4.05
N PRO A 124 -9.61 -4.68 5.13
CA PRO A 124 -10.90 -4.78 5.80
C PRO A 124 -11.28 -3.59 6.68
N GLY A 125 -10.30 -2.84 7.18
CA GLY A 125 -10.59 -1.78 8.14
C GLY A 125 -10.33 -2.21 9.57
N PRO A 126 -10.38 -1.26 10.52
CA PRO A 126 -10.10 -1.55 11.93
C PRO A 126 -11.25 -2.26 12.63
N ASP A 127 -10.92 -3.01 13.67
CA ASP A 127 -11.93 -3.49 14.61
C ASP A 127 -12.54 -2.34 15.36
N VAL A 128 -13.86 -2.23 15.33
CA VAL A 128 -14.56 -1.23 16.11
C VAL A 128 -15.25 -1.93 17.27
N THR A 129 -15.10 -1.35 18.45
CA THR A 129 -15.72 -1.89 19.66
C THR A 129 -17.17 -1.45 19.78
N ASP A 130 -17.86 -1.98 20.78
CA ASP A 130 -19.27 -1.66 21.02
C ASP A 130 -19.44 -0.23 21.59
N MSE A 131 -18.49 0.21 22.40
CA MSE A 131 -18.52 1.58 22.86
CA MSE A 131 -18.41 1.59 22.88
C MSE A 131 -18.39 2.56 21.70
O MSE A 131 -19.12 3.56 21.65
CB MSE A 131 -17.48 1.85 23.96
CB MSE A 131 -17.14 1.75 23.72
CG MSE A 131 -18.06 1.70 25.37
CG MSE A 131 -16.99 3.08 24.45
SE MSE A 131 -19.65 2.84 25.70
SE MSE A 131 -15.15 3.38 25.11
CE MSE A 131 -18.77 4.29 26.79
CE MSE A 131 -14.26 3.96 23.41
N ASP A 132 -17.51 2.28 20.74
CA ASP A 132 -17.35 3.12 19.57
C ASP A 132 -18.65 3.19 18.77
N VAL A 133 -19.29 2.05 18.57
CA VAL A 133 -20.52 2.03 17.79
C VAL A 133 -21.59 2.86 18.51
N ASN A 134 -21.65 2.78 19.83
CA ASN A 134 -22.60 3.59 20.60
C ASN A 134 -22.35 5.08 20.49
N HIS A 135 -21.10 5.48 20.61
CA HIS A 135 -20.76 6.88 20.43
C HIS A 135 -21.14 7.32 19.04
N PHE A 136 -20.94 6.46 18.06
CA PHE A 136 -21.37 6.78 16.71
C PHE A 136 -22.89 6.98 16.61
N LEU A 137 -23.67 6.09 17.20
CA LEU A 137 -25.14 6.17 17.05
C LEU A 137 -25.66 7.44 17.69
N ARG A 138 -25.04 7.79 18.79
CA ARG A 138 -25.39 8.96 19.56
C ARG A 138 -25.13 10.25 18.76
N ARG A 139 -24.01 10.31 18.04
CA ARG A 139 -23.71 11.45 17.16
C ARG A 139 -24.57 11.47 15.91
N TYR A 140 -24.84 10.27 15.39
CA TYR A 140 -25.69 10.12 14.22
C TYR A 140 -27.08 10.75 14.48
N LYS A 141 -27.68 10.38 15.61
CA LYS A 141 -29.00 10.94 16.00
C LYS A 141 -28.96 12.45 16.04
N MSE A 142 -27.90 13.01 16.61
CA MSE A 142 -27.82 14.44 16.76
C MSE A 142 -27.77 15.13 15.41
O MSE A 142 -28.47 16.10 15.17
CB MSE A 142 -26.65 14.82 17.65
CG MSE A 142 -26.93 14.43 19.10
SE MSE A 142 -25.42 14.63 20.36
CE MSE A 142 -26.43 14.28 22.05
N THR A 143 -26.98 14.59 14.50
CA THR A 143 -26.81 15.22 13.20
C THR A 143 -28.10 15.20 12.33
N LEU A 144 -28.98 14.22 12.58
CA LEU A 144 -30.18 14.04 11.75
C LEU A 144 -31.14 15.24 11.75
N SER A 145 -31.27 15.92 12.88
CA SER A 145 -32.11 17.10 12.94
C SER A 145 -31.50 18.29 12.18
N LYS A 146 -30.19 18.27 11.96
CA LYS A 146 -29.51 19.34 11.24
C LYS A 146 -29.56 19.15 9.70
N VAL A 147 -30.02 17.98 9.23
CA VAL A 147 -29.93 17.64 7.79
C VAL A 147 -31.27 17.24 7.17
N ASP A 148 -31.36 17.42 5.84
CA ASP A 148 -32.58 17.14 5.07
C ASP A 148 -32.55 15.76 4.43
N CYS A 149 -31.37 15.20 4.17
CA CYS A 149 -31.25 13.84 3.68
C CYS A 149 -29.91 13.18 4.01
N VAL A 150 -29.90 11.85 4.03
CA VAL A 150 -28.74 11.07 4.45
C VAL A 150 -28.35 10.03 3.41
N VAL A 151 -27.04 9.78 3.30
CA VAL A 151 -26.48 8.78 2.41
C VAL A 151 -25.69 7.79 3.22
N ILE A 152 -26.11 6.52 3.17
CA ILE A 152 -25.44 5.45 3.90
C ILE A 152 -24.92 4.48 2.86
N SER A 153 -23.60 4.43 2.67
CA SER A 153 -23.07 3.55 1.65
C SER A 153 -21.73 2.91 2.03
N GLY A 154 -21.48 1.78 1.39
CA GLY A 154 -20.22 1.08 1.54
C GLY A 154 -20.22 0.08 2.68
N SER A 155 -19.08 -0.55 2.86
CA SER A 155 -18.95 -1.62 3.82
C SER A 155 -18.94 -1.17 5.29
N ILE A 156 -19.07 -2.18 6.15
CA ILE A 156 -19.03 -2.10 7.60
C ILE A 156 -17.63 -2.57 8.00
N PRO A 157 -17.00 -1.94 8.99
CA PRO A 157 -15.75 -2.50 9.47
C PRO A 157 -16.01 -3.69 10.39
N PRO A 158 -15.02 -4.57 10.56
CA PRO A 158 -15.14 -5.73 11.44
C PRO A 158 -15.51 -5.33 12.87
N GLY A 159 -16.32 -6.17 13.51
CA GLY A 159 -16.72 -5.95 14.90
C GLY A 159 -18.04 -5.20 15.03
N VAL A 160 -18.56 -4.72 13.91
CA VAL A 160 -19.81 -3.98 13.91
C VAL A 160 -20.90 -4.92 13.48
N ASN A 161 -22.02 -4.91 14.19
CA ASN A 161 -23.14 -5.74 13.82
C ASN A 161 -23.76 -5.29 12.50
N GLU A 162 -24.00 -6.25 11.62
CA GLU A 162 -24.61 -5.98 10.32
C GLU A 162 -26.03 -5.41 10.41
N GLY A 163 -26.66 -5.52 11.58
CA GLY A 163 -27.93 -4.86 11.83
C GLY A 163 -27.88 -3.34 11.96
N ILE A 164 -26.68 -2.78 12.14
CA ILE A 164 -26.54 -1.35 12.34
C ILE A 164 -27.17 -0.53 11.20
N CYS A 165 -26.98 -0.96 9.97
CA CYS A 165 -27.56 -0.25 8.81
C CYS A 165 -29.06 -0.14 8.88
N ASN A 166 -29.70 -1.18 9.41
CA ASN A 166 -31.13 -1.11 9.62
C ASN A 166 -31.41 0.02 10.61
N GLU A 167 -30.67 0.07 11.72
CA GLU A 167 -30.94 1.08 12.75
C GLU A 167 -30.75 2.47 12.15
N LEU A 168 -29.75 2.62 11.29
CA LEU A 168 -29.42 3.93 10.71
C LEU A 168 -30.51 4.45 9.80
N VAL A 169 -31.08 3.55 8.99
CA VAL A 169 -32.18 3.90 8.11
C VAL A 169 -33.42 4.23 8.95
N ARG A 170 -33.61 3.45 10.00
CA ARG A 170 -34.79 3.56 10.83
C ARG A 170 -34.81 4.90 11.54
N LEU A 171 -33.70 5.22 12.20
CA LEU A 171 -33.57 6.49 12.88
C LEU A 171 -33.80 7.66 11.91
N ALA A 172 -33.18 7.59 10.73
CA ALA A 172 -33.33 8.63 9.71
C ALA A 172 -34.79 8.79 9.33
N ARG A 173 -35.40 7.66 9.06
CA ARG A 173 -36.73 7.60 8.46
C ARG A 173 -37.82 8.02 9.46
N GLU A 174 -37.72 7.57 10.71
CA GLU A 174 -38.65 8.02 11.75
C GLU A 174 -38.65 9.55 11.88
N ARG A 175 -37.56 10.20 11.51
CA ARG A 175 -37.41 11.64 11.67
C ARG A 175 -37.70 12.38 10.36
N GLY A 176 -38.29 11.69 9.40
CA GLY A 176 -38.59 12.29 8.10
C GLY A 176 -37.39 12.69 7.25
N VAL A 177 -36.22 12.13 7.54
CA VAL A 177 -35.05 12.40 6.71
C VAL A 177 -35.04 11.42 5.52
N PHE A 178 -34.84 11.98 4.34
CA PHE A 178 -34.84 11.22 3.10
C PHE A 178 -33.55 10.41 3.04
N VAL A 179 -33.65 9.15 2.65
CA VAL A 179 -32.52 8.22 2.76
C VAL A 179 -32.12 7.62 1.42
N PHE A 180 -30.83 7.73 1.09
CA PHE A 180 -30.18 7.01 -0.04
C PHE A 180 -29.29 5.92 0.52
N VAL A 181 -29.38 4.69 -0.01
CA VAL A 181 -28.43 3.64 0.38
C VAL A 181 -27.77 2.98 -0.81
N GLU A 182 -26.45 2.80 -0.75
CA GLU A 182 -25.72 1.94 -1.70
C GLU A 182 -24.89 0.90 -0.91
N GLN A 183 -25.35 -0.34 -0.85
CA GLN A 183 -24.63 -1.39 -0.10
C GLN A 183 -24.79 -2.74 -0.76
N THR A 184 -23.95 -3.68 -0.36
CA THR A 184 -23.98 -5.03 -0.90
C THR A 184 -25.25 -5.76 -0.44
N PRO A 185 -25.66 -6.81 -1.18
CA PRO A 185 -26.88 -7.54 -0.88
C PRO A 185 -27.01 -7.96 0.57
N ARG A 186 -25.94 -8.53 1.12
CA ARG A 186 -25.96 -9.05 2.47
C ARG A 186 -26.36 -7.97 3.45
N LEU A 187 -25.73 -6.81 3.35
CA LEU A 187 -26.13 -5.70 4.19
C LEU A 187 -27.55 -5.19 3.86
N LEU A 188 -27.93 -5.15 2.58
CA LEU A 188 -29.27 -4.66 2.22
C LEU A 188 -30.40 -5.57 2.71
N GLU A 189 -30.16 -6.87 2.63
CA GLU A 189 -31.05 -7.88 3.24
C GLU A 189 -31.41 -7.49 4.69
N ARG A 190 -30.40 -7.02 5.39
CA ARG A 190 -30.52 -6.69 6.81
C ARG A 190 -31.36 -5.42 6.97
N ILE A 191 -31.21 -4.48 6.05
CA ILE A 191 -32.03 -3.27 5.97
C ILE A 191 -33.49 -3.57 5.60
N TYR A 192 -33.70 -4.40 4.59
CA TYR A 192 -35.07 -4.71 4.13
C TYR A 192 -35.83 -5.65 5.08
N GLU A 193 -35.16 -6.17 6.12
CA GLU A 193 -35.84 -6.71 7.28
C GLU A 193 -36.68 -5.61 7.92
N GLY A 194 -35.99 -4.56 8.38
CA GLY A 194 -36.50 -3.70 9.46
C GLY A 194 -37.63 -2.84 8.99
N PRO A 195 -38.38 -2.27 9.95
CA PRO A 195 -39.63 -1.56 9.74
C PRO A 195 -39.57 -0.38 8.79
N GLU A 196 -38.42 0.28 8.69
CA GLU A 196 -38.27 1.40 7.77
C GLU A 196 -37.36 1.02 6.62
N PHE A 197 -37.50 1.79 5.54
CA PHE A 197 -36.84 1.45 4.29
C PHE A 197 -36.20 2.68 3.64
N PRO A 198 -35.13 2.48 2.86
CA PRO A 198 -34.53 3.57 2.10
C PRO A 198 -35.48 4.16 1.07
N ASN A 199 -35.39 5.46 0.85
CA ASN A 199 -36.14 6.11 -0.22
C ASN A 199 -35.58 5.75 -1.60
N VAL A 200 -34.25 5.76 -1.70
CA VAL A 200 -33.51 5.42 -2.92
C VAL A 200 -32.47 4.35 -2.59
N VAL A 201 -32.56 3.22 -3.27
CA VAL A 201 -31.61 2.13 -3.07
C VAL A 201 -30.86 1.86 -4.37
N LYS A 202 -29.55 1.69 -4.26
CA LYS A 202 -28.71 1.32 -5.39
C LYS A 202 -27.79 0.20 -4.91
N PRO A 203 -28.20 -1.05 -5.12
CA PRO A 203 -27.39 -2.12 -4.59
C PRO A 203 -26.04 -2.20 -5.27
N ASP A 204 -25.03 -2.56 -4.49
CA ASP A 204 -23.70 -2.79 -4.98
C ASP A 204 -23.57 -4.26 -5.30
N LEU A 205 -23.53 -4.59 -6.58
CA LEU A 205 -23.56 -5.97 -6.98
C LEU A 205 -22.20 -6.49 -7.38
N ARG A 206 -21.17 -5.64 -7.31
CA ARG A 206 -19.81 -6.05 -7.64
C ARG A 206 -19.36 -7.30 -6.89
N GLY A 207 -19.00 -8.32 -7.65
CA GLY A 207 -18.46 -9.57 -7.11
C GLY A 207 -19.49 -10.43 -6.40
N ASN A 208 -20.77 -10.21 -6.69
CA ASN A 208 -21.83 -10.94 -6.01
C ASN A 208 -22.13 -12.29 -6.64
N HIS A 209 -22.20 -13.30 -5.78
CA HIS A 209 -22.55 -14.67 -6.17
C HIS A 209 -23.82 -15.17 -5.44
N ALA A 210 -24.24 -14.52 -4.36
CA ALA A 210 -25.39 -14.98 -3.56
C ALA A 210 -26.73 -14.57 -4.16
N SER A 211 -27.78 -15.30 -3.84
CA SER A 211 -29.14 -14.87 -4.16
C SER A 211 -29.49 -13.66 -3.29
N PHE A 212 -30.36 -12.81 -3.79
CA PHE A 212 -30.70 -11.58 -3.10
C PHE A 212 -32.21 -11.40 -3.13
N LEU A 213 -32.82 -11.30 -1.95
CA LEU A 213 -34.28 -11.23 -1.81
C LEU A 213 -35.02 -12.33 -2.59
N GLY A 214 -34.45 -13.52 -2.60
CA GLY A 214 -35.03 -14.66 -3.30
C GLY A 214 -34.73 -14.74 -4.79
N VAL A 215 -33.97 -13.78 -5.32
CA VAL A 215 -33.66 -13.72 -6.75
C VAL A 215 -32.23 -14.13 -7.00
N ASP A 216 -32.05 -15.09 -7.89
CA ASP A 216 -30.75 -15.51 -8.39
C ASP A 216 -30.53 -14.73 -9.69
N LEU A 217 -29.54 -13.85 -9.67
CA LEU A 217 -29.34 -12.89 -10.74
C LEU A 217 -28.61 -13.50 -11.92
N LYS A 218 -29.33 -14.02 -12.90
CA LYS A 218 -28.70 -14.61 -14.08
C LYS A 218 -29.28 -14.10 -15.41
N THR A 219 -30.44 -13.46 -15.37
CA THR A 219 -31.10 -12.99 -16.59
C THR A 219 -31.67 -11.57 -16.40
N PHE A 220 -31.78 -10.81 -17.49
CA PHE A 220 -32.40 -9.49 -17.40
C PHE A 220 -33.68 -9.48 -16.53
N ASP A 221 -34.54 -10.49 -16.67
CA ASP A 221 -35.78 -10.57 -15.88
C ASP A 221 -35.50 -10.70 -14.38
N ASP A 222 -34.43 -11.37 -14.01
CA ASP A 222 -34.02 -11.41 -12.61
C ASP A 222 -33.68 -10.03 -12.09
N TYR A 223 -32.89 -9.29 -12.85
CA TYR A 223 -32.51 -7.97 -12.43
C TYR A 223 -33.75 -7.08 -12.35
N VAL A 224 -34.72 -7.31 -13.26
CA VAL A 224 -35.94 -6.53 -13.23
C VAL A 224 -36.78 -6.90 -12.03
N LYS A 225 -36.93 -8.19 -11.76
CA LYS A 225 -37.69 -8.61 -10.56
C LYS A 225 -37.05 -8.01 -9.30
N LEU A 226 -35.72 -7.95 -9.25
CA LEU A 226 -35.06 -7.39 -8.07
C LEU A 226 -35.35 -5.88 -7.92
N ALA A 227 -35.28 -5.15 -9.02
CA ALA A 227 -35.61 -3.73 -9.00
C ALA A 227 -37.04 -3.53 -8.52
N GLU A 228 -37.96 -4.41 -8.94
CA GLU A 228 -39.38 -4.29 -8.58
C GLU A 228 -39.66 -4.59 -7.10
N LYS A 229 -39.02 -5.63 -6.56
CA LYS A 229 -39.12 -5.99 -5.13
C LYS A 229 -38.62 -4.86 -4.21
N LEU A 230 -37.49 -4.28 -4.59
CA LEU A 230 -36.95 -3.15 -3.85
C LEU A 230 -37.86 -1.94 -3.98
N ALA A 231 -38.52 -1.80 -5.12
CA ALA A 231 -39.40 -0.66 -5.38
C ALA A 231 -40.76 -0.80 -4.69
N GLU A 232 -41.05 -2.00 -4.18
CA GLU A 232 -42.23 -2.18 -3.33
C GLU A 232 -42.11 -1.39 -2.01
N LYS A 233 -40.91 -1.38 -1.43
CA LYS A 233 -40.71 -0.79 -0.12
C LYS A 233 -39.95 0.55 -0.20
N SER A 234 -39.18 0.75 -1.26
CA SER A 234 -38.48 2.01 -1.52
C SER A 234 -39.12 2.69 -2.72
N GLN A 235 -39.02 4.01 -2.78
CA GLN A 235 -39.62 4.78 -3.87
C GLN A 235 -38.87 4.60 -5.19
N VAL A 236 -37.56 4.39 -5.12
CA VAL A 236 -36.81 4.13 -6.35
C VAL A 236 -35.64 3.20 -6.09
N SER A 237 -35.47 2.26 -7.02
CA SER A 237 -34.35 1.34 -6.99
C SER A 237 -33.56 1.52 -8.28
N VAL A 238 -32.24 1.50 -8.18
CA VAL A 238 -31.36 1.59 -9.33
C VAL A 238 -30.45 0.38 -9.28
N VAL A 239 -30.59 -0.51 -10.27
CA VAL A 239 -29.92 -1.79 -10.28
C VAL A 239 -29.04 -1.93 -11.51
N SER A 240 -27.79 -2.31 -11.30
CA SER A 240 -26.82 -2.39 -12.38
C SER A 240 -26.97 -3.66 -13.13
N TYR A 241 -26.77 -3.53 -14.44
CA TYR A 241 -26.90 -4.61 -15.35
C TYR A 241 -25.84 -4.50 -16.42
N GLU A 242 -25.01 -5.52 -16.53
CA GLU A 242 -23.96 -5.61 -17.53
C GLU A 242 -23.03 -4.40 -17.56
N VAL A 243 -22.64 -3.95 -16.36
CA VAL A 243 -21.61 -2.94 -16.19
C VAL A 243 -22.06 -1.51 -16.55
N LYS A 244 -22.62 -1.30 -17.74
CA LYS A 244 -22.88 0.05 -18.27
C LYS A 244 -24.37 0.37 -18.50
N ASN A 245 -25.23 -0.22 -17.68
CA ASN A 245 -26.65 0.05 -17.73
C ASN A 245 -27.22 -0.01 -16.34
N ASP A 246 -28.41 0.55 -16.18
CA ASP A 246 -29.11 0.57 -14.90
C ASP A 246 -30.61 0.47 -15.09
N ILE A 247 -31.21 -0.46 -14.37
CA ILE A 247 -32.65 -0.60 -14.32
C ILE A 247 -33.14 0.33 -13.22
N VAL A 248 -34.06 1.20 -13.56
CA VAL A 248 -34.66 2.09 -12.60
C VAL A 248 -36.11 1.67 -12.44
N ALA A 249 -36.49 1.27 -11.24
CA ALA A 249 -37.85 0.85 -10.95
C ALA A 249 -38.49 1.82 -9.95
N THR A 250 -39.70 2.31 -10.29
CA THR A 250 -40.53 3.07 -9.37
C THR A 250 -41.89 2.40 -9.28
N ARG A 251 -42.79 3.04 -8.54
CA ARG A 251 -44.13 2.53 -8.34
C ARG A 251 -44.95 2.78 -9.60
N GLU A 252 -44.54 3.76 -10.42
CA GLU A 252 -45.16 4.00 -11.73
C GLU A 252 -44.63 3.08 -12.86
N GLY A 253 -43.47 2.43 -12.67
CA GLY A 253 -42.96 1.48 -13.68
C GLY A 253 -41.46 1.21 -13.66
N VAL A 254 -40.95 0.62 -14.75
CA VAL A 254 -39.53 0.24 -14.86
C VAL A 254 -38.90 0.79 -16.15
N TRP A 255 -37.75 1.45 -16.01
CA TRP A 255 -36.99 1.93 -17.18
C TRP A 255 -35.58 1.31 -17.20
N LEU A 256 -34.90 1.45 -18.35
CA LEU A 256 -33.52 0.98 -18.52
C LEU A 256 -32.71 2.07 -19.16
N ILE A 257 -31.65 2.49 -18.47
CA ILE A 257 -30.73 3.50 -18.96
C ILE A 257 -29.48 2.77 -19.47
N ARG A 258 -29.08 3.05 -20.72
CA ARG A 258 -27.91 2.39 -21.29
C ARG A 258 -26.90 3.39 -21.79
N SER A 259 -25.62 3.11 -21.52
CA SER A 259 -24.55 3.86 -22.16
C SER A 259 -24.58 3.59 -23.67
N LYS A 260 -24.58 4.66 -24.49
CA LYS A 260 -24.55 4.51 -25.94
C LYS A 260 -23.28 3.82 -26.43
N GLU A 261 -22.22 3.88 -25.66
CA GLU A 261 -20.91 3.38 -26.11
C GLU A 261 -20.24 2.58 -24.99
N GLU A 262 -19.25 1.76 -25.34
CA GLU A 262 -18.53 0.99 -24.31
C GLU A 262 -17.74 1.99 -23.46
N ILE A 263 -17.76 1.76 -22.15
CA ILE A 263 -17.02 2.57 -21.22
C ILE A 263 -15.69 1.87 -20.92
N ASP A 264 -14.76 2.62 -20.37
CA ASP A 264 -13.43 2.10 -20.06
C ASP A 264 -13.48 1.49 -18.66
N THR A 265 -13.46 0.16 -18.60
CA THR A 265 -13.63 -0.51 -17.33
C THR A 265 -12.47 -0.26 -16.36
N SER A 266 -11.35 0.22 -16.87
CA SER A 266 -10.23 0.61 -16.02
C SER A 266 -10.41 2.00 -15.39
N HIS A 267 -11.34 2.80 -15.92
CA HIS A 267 -11.57 4.16 -15.42
C HIS A 267 -12.71 4.21 -14.40
N LEU A 268 -13.11 3.05 -13.88
CA LEU A 268 -14.34 2.93 -13.10
C LEU A 268 -14.23 3.25 -11.61
N LEU A 269 -13.02 3.41 -11.08
CA LEU A 269 -12.94 3.58 -9.62
C LEU A 269 -13.75 4.80 -9.20
N GLY A 270 -14.75 4.57 -8.36
CA GLY A 270 -15.53 5.66 -7.74
C GLY A 270 -16.71 6.20 -8.54
N ALA A 271 -16.96 5.60 -9.71
CA ALA A 271 -18.04 6.03 -10.59
C ALA A 271 -19.41 5.91 -9.93
N GLY A 272 -19.57 4.89 -9.10
CA GLY A 272 -20.85 4.61 -8.43
C GLY A 272 -21.22 5.64 -7.38
N ASP A 273 -20.21 6.26 -6.79
CA ASP A 273 -20.40 7.32 -5.79
C ASP A 273 -20.73 8.63 -6.49
N ALA A 274 -20.14 8.85 -7.66
CA ALA A 274 -20.58 9.94 -8.53
C ALA A 274 -22.05 9.78 -8.86
N TYR A 275 -22.46 8.57 -9.24
CA TYR A 275 -23.87 8.26 -9.49
C TYR A 275 -24.73 8.72 -8.35
N VAL A 276 -24.40 8.28 -7.14
CA VAL A 276 -25.23 8.63 -5.97
C VAL A 276 -25.21 10.13 -5.71
N ALA A 277 -24.03 10.75 -5.83
CA ALA A 277 -23.90 12.19 -5.59
C ALA A 277 -24.77 13.00 -6.57
N GLY A 278 -24.80 12.56 -7.82
CA GLY A 278 -25.64 13.21 -8.81
C GLY A 278 -27.08 13.16 -8.40
N MSE A 279 -27.53 11.98 -7.98
CA MSE A 279 -28.90 11.82 -7.52
C MSE A 279 -29.19 12.70 -6.32
O MSE A 279 -30.24 13.35 -6.28
CB MSE A 279 -29.19 10.36 -7.16
CG MSE A 279 -29.25 9.46 -8.35
SE MSE A 279 -29.92 7.67 -7.95
CE MSE A 279 -31.77 7.84 -8.60
N VAL A 280 -28.28 12.74 -5.36
CA VAL A 280 -28.48 13.60 -4.20
C VAL A 280 -28.64 15.05 -4.65
N TYR A 281 -27.72 15.52 -5.49
CA TYR A 281 -27.79 16.87 -6.05
C TYR A 281 -29.11 17.16 -6.75
N TYR A 282 -29.60 16.22 -7.54
CA TYR A 282 -30.82 16.44 -8.31
C TYR A 282 -32.00 16.56 -7.37
N PHE A 283 -32.05 15.67 -6.39
CA PHE A 283 -33.08 15.71 -5.37
C PHE A 283 -33.08 17.08 -4.69
N ILE A 284 -31.93 17.49 -4.16
CA ILE A 284 -31.83 18.80 -3.50
C ILE A 284 -32.26 19.95 -4.41
N LYS A 285 -31.76 19.97 -5.64
CA LYS A 285 -31.97 21.12 -6.52
C LYS A 285 -33.32 21.13 -7.25
N HIS A 286 -33.70 20.02 -7.87
CA HIS A 286 -34.93 19.98 -8.68
C HIS A 286 -36.04 19.03 -8.17
N GLY A 287 -35.93 18.57 -6.92
CA GLY A 287 -36.99 17.76 -6.30
C GLY A 287 -36.97 16.28 -6.65
N ALA A 288 -37.99 15.56 -6.17
CA ALA A 288 -38.03 14.10 -6.21
C ALA A 288 -38.65 13.52 -7.48
N ASN A 289 -38.15 13.95 -8.64
CA ASN A 289 -38.49 13.30 -9.89
C ASN A 289 -37.45 12.21 -10.10
N PHE A 290 -37.86 10.96 -9.89
CA PHE A 290 -36.94 9.84 -9.73
C PHE A 290 -36.26 9.39 -11.01
N LEU A 291 -37.00 9.26 -12.10
CA LEU A 291 -36.37 8.85 -13.34
C LEU A 291 -35.30 9.89 -13.70
N GLU A 292 -35.67 11.17 -13.65
CA GLU A 292 -34.69 12.24 -13.94
C GLU A 292 -33.53 12.26 -12.94
N MSE A 293 -33.78 11.88 -11.68
CA MSE A 293 -32.69 11.68 -10.72
C MSE A 293 -31.72 10.61 -11.17
O MSE A 293 -30.53 10.83 -11.16
CB MSE A 293 -33.21 11.24 -9.37
CG MSE A 293 -33.56 12.35 -8.45
SE MSE A 293 -34.08 11.60 -6.74
CE MSE A 293 -32.84 10.20 -6.62
N ALA A 294 -32.26 9.43 -11.52
CA ALA A 294 -31.41 8.33 -11.99
C ALA A 294 -30.64 8.70 -13.26
N LYS A 295 -31.29 9.45 -14.16
CA LYS A 295 -30.66 9.88 -15.41
C LYS A 295 -29.50 10.81 -15.17
N PHE A 296 -29.68 11.74 -14.23
CA PHE A 296 -28.63 12.66 -13.88
C PHE A 296 -27.51 11.89 -13.17
N GLY A 297 -27.88 10.92 -12.34
CA GLY A 297 -26.91 10.07 -11.68
C GLY A 297 -26.07 9.35 -12.71
N PHE A 298 -26.73 8.81 -13.73
CA PHE A 298 -26.07 8.04 -14.77
C PHE A 298 -25.09 8.93 -15.53
N ALA A 299 -25.50 10.16 -15.82
CA ALA A 299 -24.63 11.14 -16.46
C ALA A 299 -23.34 11.35 -15.66
N SER A 300 -23.47 11.50 -14.34
CA SER A 300 -22.28 11.73 -13.50
C SER A 300 -21.35 10.52 -13.55
N ALA A 301 -21.94 9.33 -13.40
CA ALA A 301 -21.19 8.08 -13.46
C ALA A 301 -20.38 8.06 -14.74
N LEU A 302 -21.01 8.38 -15.87
CA LEU A 302 -20.31 8.37 -17.13
C LEU A 302 -19.16 9.35 -17.08
N ALA A 303 -19.42 10.53 -16.52
CA ALA A 303 -18.41 11.58 -16.43
C ALA A 303 -17.22 11.08 -15.61
N ALA A 304 -17.51 10.38 -14.53
CA ALA A 304 -16.44 9.85 -13.67
C ALA A 304 -15.52 8.93 -14.44
N THR A 305 -16.05 8.18 -15.40
CA THR A 305 -15.21 7.26 -16.15
C THR A 305 -14.32 7.95 -17.19
N ARG A 306 -14.52 9.22 -17.47
CA ARG A 306 -13.71 9.83 -18.53
C ARG A 306 -12.25 10.00 -18.16
N ARG A 307 -11.87 9.77 -16.90
CA ARG A 307 -10.48 9.84 -16.49
C ARG A 307 -10.02 8.58 -15.79
N LYS A 308 -8.75 8.24 -15.95
CA LYS A 308 -8.16 7.07 -15.29
C LYS A 308 -8.15 7.19 -13.78
N GLU A 309 -8.03 8.42 -13.28
CA GLU A 309 -8.04 8.65 -11.83
C GLU A 309 -9.45 8.69 -11.33
N LYS A 310 -9.60 8.41 -10.05
CA LYS A 310 -10.81 8.72 -9.32
C LYS A 310 -11.05 10.20 -9.56
N TYR A 311 -12.16 10.50 -10.24
CA TYR A 311 -12.54 11.84 -10.58
C TYR A 311 -14.03 11.97 -10.30
N MSE A 312 -14.37 12.89 -9.42
CA MSE A 312 -15.74 13.26 -9.20
C MSE A 312 -15.99 14.48 -10.09
O MSE A 312 -15.26 15.46 -10.00
CB MSE A 312 -15.94 13.61 -7.73
CG MSE A 312 -15.58 12.50 -6.76
SE MSE A 312 -16.68 10.83 -7.03
CE MSE A 312 -15.22 9.52 -7.51
N PRO A 313 -16.98 14.40 -10.97
CA PRO A 313 -17.15 15.42 -12.00
C PRO A 313 -17.79 16.71 -11.50
N ASP A 314 -17.55 17.80 -12.21
CA ASP A 314 -18.33 19.03 -12.02
C ASP A 314 -19.53 19.09 -12.97
N LEU A 315 -20.42 20.04 -12.71
CA LEU A 315 -21.68 20.15 -13.45
C LEU A 315 -21.49 20.25 -14.97
N GLU A 316 -20.47 20.99 -15.40
CA GLU A 316 -20.14 21.07 -16.83
C GLU A 316 -19.86 19.68 -17.39
N ALA A 317 -19.03 18.89 -16.69
CA ALA A 317 -18.63 17.57 -17.17
C ALA A 317 -19.79 16.57 -17.14
N ILE A 318 -20.75 16.80 -16.23
CA ILE A 318 -21.94 15.95 -16.11
C ILE A 318 -22.92 16.21 -17.26
N LYS A 319 -23.25 17.47 -17.50
CA LYS A 319 -24.18 17.85 -18.58
C LYS A 319 -23.70 17.36 -19.96
N LYS A 320 -22.39 17.32 -20.16
CA LYS A 320 -21.79 16.81 -21.40
C LYS A 320 -22.14 15.36 -21.74
N GLU A 321 -22.58 14.62 -20.73
CA GLU A 321 -22.87 13.22 -20.90
C GLU A 321 -24.33 12.96 -21.24
N TYR A 322 -25.16 13.99 -21.25
CA TYR A 322 -26.59 13.80 -21.55
C TYR A 322 -26.80 13.24 -22.96
N ASP A 323 -25.78 13.43 -23.79
CA ASP A 323 -25.77 12.96 -25.17
C ASP A 323 -25.53 11.45 -25.32
N HIS A 324 -24.91 10.83 -24.33
CA HIS A 324 -24.29 9.51 -24.50
C HIS A 324 -25.03 8.39 -23.77
N PHE A 325 -26.33 8.52 -23.56
CA PHE A 325 -27.11 7.41 -23.05
C PHE A 325 -28.55 7.45 -23.52
N THR A 326 -29.20 6.28 -23.52
CA THR A 326 -30.60 6.19 -23.90
C THR A 326 -31.41 5.75 -22.70
N VAL A 327 -32.71 6.04 -22.70
CA VAL A 327 -33.66 5.48 -21.76
C VAL A 327 -34.73 4.71 -22.53
N GLU A 328 -34.97 3.46 -22.14
CA GLU A 328 -36.06 2.68 -22.72
C GLU A 328 -37.03 2.41 -21.58
N ARG A 329 -38.29 2.24 -21.92
CA ARG A 329 -39.27 1.84 -20.92
C ARG A 329 -39.45 0.33 -20.97
N VAL A 330 -39.23 -0.31 -19.83
CA VAL A 330 -39.33 -1.77 -19.73
C VAL A 330 -40.78 -2.21 -19.43
N LYS A 331 -41.40 -1.56 -18.43
CA LYS A 331 -42.79 -1.84 -18.01
C LYS A 331 -43.49 -0.53 -17.61
N HIS B 12 30.32 -2.74 22.56
CA HIS B 12 30.42 -3.05 21.10
C HIS B 12 29.23 -2.39 20.37
N MSE B 13 29.50 -1.63 19.31
CA MSE B 13 28.46 -0.81 18.64
C MSE B 13 28.58 -0.72 17.12
O MSE B 13 29.68 -0.62 16.58
CB MSE B 13 28.45 0.59 19.23
CG MSE B 13 27.38 0.82 20.29
SE MSE B 13 25.74 1.65 19.57
CE MSE B 13 26.26 3.60 19.98
N VAL B 14 27.42 -0.75 16.45
CA VAL B 14 27.33 -0.75 15.00
C VAL B 14 26.59 0.49 14.47
N LEU B 15 27.08 1.09 13.39
CA LEU B 15 26.35 2.17 12.70
C LEU B 15 25.81 1.67 11.38
N THR B 16 24.53 1.90 11.13
CA THR B 16 23.97 1.58 9.81
C THR B 16 23.55 2.84 9.07
N VAL B 17 23.78 2.86 7.77
CA VAL B 17 23.42 3.99 6.95
C VAL B 17 22.36 3.55 5.98
N THR B 18 21.23 4.24 5.98
CA THR B 18 20.16 3.97 5.02
C THR B 18 19.73 5.31 4.45
N LEU B 19 20.29 5.65 3.30
CA LEU B 19 20.12 6.97 2.73
C LEU B 19 18.75 7.13 2.09
N ASN B 20 18.12 6.02 1.71
CA ASN B 20 16.81 6.04 1.08
C ASN B 20 15.95 4.96 1.72
N PRO B 21 15.55 5.17 2.97
CA PRO B 21 14.67 4.24 3.66
C PRO B 21 13.24 4.19 3.12
N ALA B 22 12.51 3.15 3.50
CA ALA B 22 11.16 2.94 3.02
C ALA B 22 10.24 2.47 4.14
N LEU B 23 8.98 2.80 4.00
CA LEU B 23 7.97 2.10 4.76
C LEU B 23 7.56 0.96 3.89
N ASP B 24 7.80 -0.27 4.33
CA ASP B 24 7.37 -1.47 3.62
C ASP B 24 5.92 -1.82 3.92
N ARG B 25 5.16 -2.08 2.86
CA ARG B 25 3.78 -2.58 2.95
C ARG B 25 3.74 -3.95 2.29
N GLU B 26 3.71 -4.99 3.12
CA GLU B 26 3.70 -6.37 2.66
C GLU B 26 2.26 -6.88 2.63
N ILE B 27 1.86 -7.46 1.51
CA ILE B 27 0.50 -7.89 1.30
C ILE B 27 0.60 -9.31 0.84
N PHE B 28 -0.13 -10.21 1.50
CA PHE B 28 -0.06 -11.66 1.23
C PHE B 28 -1.29 -12.16 0.53
N ILE B 29 -1.15 -12.45 -0.76
CA ILE B 29 -2.24 -12.91 -1.59
C ILE B 29 -1.80 -14.14 -2.37
N GLU B 30 -2.45 -15.27 -2.13
CA GLU B 30 -2.13 -16.47 -2.88
C GLU B 30 -2.82 -16.39 -4.22
N ASP B 31 -2.14 -16.87 -5.27
CA ASP B 31 -2.71 -16.84 -6.62
C ASP B 31 -3.13 -15.43 -7.03
N PHE B 32 -2.16 -14.52 -6.90
CA PHE B 32 -2.32 -13.11 -7.26
C PHE B 32 -2.26 -12.90 -8.78
N GLN B 33 -3.31 -12.33 -9.35
CA GLN B 33 -3.35 -12.06 -10.76
C GLN B 33 -3.88 -10.65 -11.06
N VAL B 34 -3.42 -10.16 -12.20
CA VAL B 34 -3.82 -8.90 -12.73
C VAL B 34 -5.32 -8.90 -12.95
N ASN B 35 -5.95 -7.76 -12.73
CA ASN B 35 -7.35 -7.50 -13.15
C ASN B 35 -8.43 -8.11 -12.25
N ARG B 36 -8.12 -8.35 -10.99
CA ARG B 36 -9.13 -8.85 -10.05
C ARG B 36 -9.13 -7.99 -8.77
N LEU B 37 -10.26 -7.97 -8.08
CA LEU B 37 -10.42 -7.35 -6.76
C LEU B 37 -10.08 -8.39 -5.70
N TYR B 38 -9.31 -8.02 -4.70
CA TYR B 38 -8.97 -8.92 -3.62
C TYR B 38 -9.41 -8.30 -2.31
N ARG B 39 -10.36 -8.92 -1.62
CA ARG B 39 -10.67 -8.55 -0.24
C ARG B 39 -9.79 -9.30 0.74
N ILE B 40 -8.85 -8.60 1.37
CA ILE B 40 -8.02 -9.15 2.41
C ILE B 40 -8.88 -9.52 3.62
N ASN B 41 -8.47 -10.59 4.33
CA ASN B 41 -9.24 -11.14 5.43
C ASN B 41 -9.24 -10.20 6.63
N ASP B 42 -10.33 -10.19 7.38
CA ASP B 42 -10.54 -9.22 8.44
C ASP B 42 -9.41 -9.04 9.45
N LEU B 43 -8.57 -10.07 9.61
CA LEU B 43 -7.50 -10.03 10.60
C LEU B 43 -6.14 -9.54 10.08
N SER B 44 -5.96 -9.41 8.77
CA SER B 44 -4.73 -8.73 8.31
C SER B 44 -5.07 -7.24 8.16
N LYS B 45 -4.57 -6.44 9.09
CA LYS B 45 -4.85 -5.00 9.18
C LYS B 45 -3.84 -4.15 8.35
N THR B 46 -4.26 -2.97 7.92
CA THR B 46 -3.34 -2.02 7.26
C THR B 46 -2.19 -1.73 8.19
N GLN B 47 -1.00 -2.15 7.77
CA GLN B 47 0.20 -2.17 8.59
C GLN B 47 1.34 -1.63 7.75
N MSE B 48 2.41 -1.24 8.41
CA MSE B 48 3.53 -0.69 7.68
C MSE B 48 4.78 -0.73 8.52
O MSE B 48 4.80 -0.19 9.61
CB MSE B 48 3.20 0.74 7.36
CG MSE B 48 3.56 1.13 5.98
SE MSE B 48 2.43 2.60 5.49
CE MSE B 48 1.46 2.99 7.31
N SER B 49 5.83 -1.37 8.01
CA SER B 49 6.99 -1.58 8.84
C SER B 49 8.18 -0.76 8.36
N PRO B 50 9.09 -0.43 9.27
CA PRO B 50 10.34 0.24 8.88
C PRO B 50 11.20 -0.63 7.97
N GLY B 51 11.74 0.00 6.93
CA GLY B 51 12.51 -0.67 5.90
C GLY B 51 13.63 0.17 5.28
N GLY B 52 14.27 -0.40 4.28
CA GLY B 52 15.57 0.06 3.79
C GLY B 52 16.59 -0.92 4.33
N LYS B 53 17.66 -1.14 3.58
CA LYS B 53 18.58 -2.23 3.93
C LYS B 53 19.26 -2.02 5.29
N GLY B 54 19.90 -0.86 5.47
CA GLY B 54 20.60 -0.58 6.73
C GLY B 54 19.66 -0.66 7.92
N ILE B 55 18.45 -0.16 7.77
CA ILE B 55 17.45 -0.22 8.83
C ILE B 55 17.05 -1.66 9.15
N ASN B 56 16.88 -2.49 8.13
CA ASN B 56 16.60 -3.89 8.37
C ASN B 56 17.81 -4.56 9.05
N VAL B 57 19.02 -4.07 8.77
CA VAL B 57 20.21 -4.66 9.37
C VAL B 57 20.16 -4.36 10.87
N SER B 58 19.84 -3.12 11.21
CA SER B 58 19.63 -2.72 12.60
C SER B 58 18.60 -3.58 13.31
N ILE B 59 17.48 -3.87 12.65
CA ILE B 59 16.42 -4.67 13.25
C ILE B 59 17.00 -6.08 13.50
N ALA B 60 17.59 -6.66 12.47
CA ALA B 60 18.25 -7.95 12.58
C ALA B 60 19.26 -8.01 13.72
N LEU B 61 20.07 -6.97 13.87
CA LEU B 61 21.07 -6.99 14.93
C LEU B 61 20.38 -6.92 16.29
N SER B 62 19.32 -6.11 16.40
CA SER B 62 18.64 -6.00 17.68
C SER B 62 18.06 -7.35 18.11
N LYS B 63 17.64 -8.17 17.15
CA LYS B 63 17.08 -9.49 17.48
C LYS B 63 18.13 -10.42 18.04
N LEU B 64 19.39 -10.18 17.66
CA LEU B 64 20.52 -10.96 18.16
C LEU B 64 21.19 -10.30 19.36
N GLY B 65 20.57 -9.25 19.89
CA GLY B 65 21.07 -8.58 21.10
C GLY B 65 22.16 -7.53 20.90
N VAL B 66 22.37 -7.13 19.64
CA VAL B 66 23.45 -6.20 19.30
C VAL B 66 22.91 -4.81 18.97
N PRO B 67 23.36 -3.79 19.70
CA PRO B 67 22.86 -2.44 19.49
C PRO B 67 23.42 -1.77 18.26
N SER B 68 22.66 -0.84 17.70
CA SER B 68 23.14 -0.03 16.59
C SER B 68 22.59 1.39 16.63
N VAL B 69 23.32 2.31 16.01
CA VAL B 69 22.80 3.62 15.63
C VAL B 69 22.39 3.51 14.18
N ALA B 70 21.15 3.87 13.89
CA ALA B 70 20.62 3.88 12.54
C ALA B 70 20.53 5.31 12.08
N THR B 71 21.21 5.61 10.98
CA THR B 71 21.13 6.93 10.39
C THR B 71 20.80 6.86 8.90
N GLY B 72 20.65 8.05 8.29
CA GLY B 72 20.10 8.20 6.94
C GLY B 72 19.23 9.45 6.84
N PHE B 73 18.38 9.52 5.82
CA PHE B 73 17.43 10.62 5.65
C PHE B 73 16.02 10.13 5.79
N VAL B 74 15.21 10.89 6.54
CA VAL B 74 13.81 10.60 6.76
C VAL B 74 13.00 11.90 6.67
N GLY B 75 11.75 11.82 6.24
CA GLY B 75 11.00 13.06 6.09
C GLY B 75 9.51 12.93 6.09
N GLY B 76 8.89 14.01 6.51
CA GLY B 76 7.44 14.14 6.50
C GLY B 76 6.78 13.16 7.44
N TYR B 77 5.52 12.89 7.12
CA TYR B 77 4.67 12.14 7.99
C TYR B 77 5.01 10.66 7.93
N MSE B 78 5.27 10.14 6.73
CA MSE B 78 5.75 8.77 6.59
C MSE B 78 7.00 8.60 7.41
O MSE B 78 7.22 7.56 8.02
CB MSE B 78 6.10 8.45 5.13
CG MSE B 78 4.93 8.38 4.12
SE MSE B 78 3.40 7.38 4.80
CE MSE B 78 2.17 8.96 5.04
N GLY B 79 7.85 9.62 7.37
CA GLY B 79 9.04 9.64 8.15
C GLY B 79 8.80 9.46 9.65
N LYS B 80 7.89 10.28 10.20
CA LYS B 80 7.47 10.14 11.60
C LYS B 80 7.11 8.72 11.93
N ILE B 81 6.41 8.07 11.00
CA ILE B 81 5.90 6.72 11.22
C ILE B 81 7.06 5.74 11.28
N LEU B 82 7.98 5.84 10.33
CA LEU B 82 9.14 4.98 10.31
C LEU B 82 9.90 5.10 11.62
N VAL B 83 10.15 6.32 12.04
CA VAL B 83 10.94 6.59 13.23
C VAL B 83 10.22 6.10 14.47
N GLU B 84 8.92 6.38 14.56
CA GLU B 84 8.15 5.97 15.76
C GLU B 84 8.10 4.44 15.83
N GLU B 85 7.85 3.81 14.70
CA GLU B 85 7.81 2.35 14.63
C GLU B 85 9.17 1.69 14.88
N LEU B 86 10.23 2.27 14.34
CA LEU B 86 11.56 1.68 14.52
C LEU B 86 11.96 1.69 15.99
N ARG B 87 11.63 2.77 16.69
CA ARG B 87 11.94 2.91 18.10
C ARG B 87 11.20 1.83 18.89
N LYS B 88 9.97 1.52 18.49
CA LYS B 88 9.15 0.52 19.19
C LYS B 88 9.71 -0.92 19.09
N ILE B 89 10.54 -1.20 18.08
CA ILE B 89 11.04 -2.57 17.85
C ILE B 89 12.04 -3.03 18.92
N SER B 90 12.96 -2.15 19.32
CA SER B 90 13.92 -2.48 20.38
C SER B 90 14.60 -1.22 20.89
N LYS B 91 14.93 -1.18 22.18
CA LYS B 91 15.69 -0.07 22.69
C LYS B 91 17.14 -0.21 22.28
N LEU B 92 17.49 -1.34 21.68
CA LEU B 92 18.87 -1.55 21.22
C LEU B 92 19.23 -0.68 19.99
N ILE B 93 18.21 -0.18 19.29
CA ILE B 93 18.39 0.68 18.12
C ILE B 93 18.22 2.11 18.53
N THR B 94 19.25 2.94 18.43
CA THR B 94 19.06 4.37 18.61
C THR B 94 18.98 4.99 17.23
N THR B 95 17.96 5.82 17.04
CA THR B 95 17.73 6.46 15.75
C THR B 95 18.45 7.79 15.71
N ASN B 96 19.05 8.11 14.57
CA ASN B 96 19.83 9.31 14.45
C ASN B 96 19.81 9.80 13.02
N PHE B 97 18.60 9.94 12.49
CA PHE B 97 18.38 10.32 11.11
C PHE B 97 18.46 11.80 10.91
N VAL B 98 18.79 12.21 9.70
CA VAL B 98 18.72 13.61 9.30
C VAL B 98 17.37 13.82 8.65
N TYR B 99 16.65 14.81 9.16
CA TYR B 99 15.27 15.07 8.72
C TYR B 99 15.23 16.04 7.55
N VAL B 100 14.51 15.64 6.49
CA VAL B 100 14.43 16.43 5.26
C VAL B 100 13.01 16.76 4.95
N GLU B 101 12.81 17.76 4.10
CA GLU B 101 11.50 18.09 3.60
C GLU B 101 11.13 17.02 2.54
N GLY B 102 9.86 16.65 2.50
CA GLY B 102 9.42 15.59 1.59
C GLY B 102 9.27 14.28 2.33
N GLU B 103 8.48 13.38 1.76
CA GLU B 103 8.10 12.16 2.44
C GLU B 103 9.07 11.02 2.18
N THR B 104 9.30 10.25 3.22
CA THR B 104 9.94 8.97 3.06
C THR B 104 9.01 8.13 2.16
N ARG B 105 9.61 7.29 1.33
CA ARG B 105 8.85 6.54 0.35
C ARG B 105 8.15 5.35 0.98
N GLU B 106 6.91 5.09 0.56
CA GLU B 106 6.26 3.79 0.83
C GLU B 106 6.68 2.81 -0.28
N ASN B 107 6.92 1.55 0.06
CA ASN B 107 7.11 0.51 -0.96
C ASN B 107 6.11 -0.59 -0.72
N ILE B 108 5.53 -1.10 -1.79
CA ILE B 108 4.53 -2.16 -1.73
C ILE B 108 5.12 -3.45 -2.26
N GLU B 109 4.96 -4.51 -1.47
CA GLU B 109 5.39 -5.83 -1.87
C GLU B 109 4.22 -6.82 -1.80
N ILE B 110 3.77 -7.31 -2.95
CA ILE B 110 2.69 -8.29 -3.01
C ILE B 110 3.33 -9.66 -3.14
N ILE B 111 3.20 -10.45 -2.09
CA ILE B 111 3.88 -11.72 -1.95
C ILE B 111 2.89 -12.88 -2.10
N ASP B 112 3.17 -13.77 -3.06
CA ASP B 112 2.26 -14.87 -3.42
C ASP B 112 2.97 -16.18 -3.13
N GLU B 113 2.70 -16.70 -1.95
CA GLU B 113 3.38 -17.89 -1.43
C GLU B 113 3.00 -19.19 -2.17
N LYS B 114 1.87 -19.22 -2.89
CA LYS B 114 1.51 -20.42 -3.63
C LYS B 114 2.17 -20.47 -5.01
N ASN B 115 2.10 -19.38 -5.77
CA ASN B 115 2.68 -19.35 -7.12
C ASN B 115 4.13 -18.92 -7.09
N LYS B 116 4.64 -18.61 -5.90
CA LYS B 116 6.03 -18.16 -5.72
C LYS B 116 6.35 -16.93 -6.57
N THR B 117 5.69 -15.83 -6.26
CA THR B 117 5.95 -14.55 -6.93
C THR B 117 6.01 -13.41 -5.91
N ILE B 118 6.79 -12.39 -6.22
CA ILE B 118 6.76 -11.14 -5.49
C ILE B 118 6.52 -10.07 -6.53
N THR B 119 5.46 -9.30 -6.37
CA THR B 119 5.20 -8.16 -7.23
C THR B 119 5.48 -6.89 -6.42
N ALA B 120 6.44 -6.08 -6.86
CA ALA B 120 6.95 -4.99 -6.04
C ALA B 120 6.78 -3.66 -6.74
N ILE B 121 6.32 -2.66 -6.00
CA ILE B 121 6.16 -1.32 -6.53
C ILE B 121 6.91 -0.37 -5.62
N ASN B 122 7.97 0.25 -6.15
CA ASN B 122 8.85 1.13 -5.38
C ASN B 122 8.69 2.57 -5.77
N PHE B 123 8.58 3.43 -4.76
CA PHE B 123 8.38 4.85 -4.99
C PHE B 123 9.72 5.53 -4.78
N PRO B 124 9.86 6.77 -5.25
CA PRO B 124 11.21 7.31 -5.47
C PRO B 124 12.03 7.66 -4.21
N GLY B 125 11.39 8.27 -3.21
CA GLY B 125 12.11 8.80 -2.06
C GLY B 125 12.18 10.30 -2.19
N PRO B 126 12.52 11.00 -1.12
CA PRO B 126 12.52 12.46 -1.19
C PRO B 126 13.69 13.08 -1.94
N ASP B 127 13.43 14.26 -2.51
CA ASP B 127 14.47 15.09 -3.08
C ASP B 127 15.26 15.69 -1.93
N VAL B 128 16.52 15.28 -1.82
CA VAL B 128 17.41 15.72 -0.76
C VAL B 128 18.29 16.84 -1.32
N THR B 129 18.77 17.72 -0.44
CA THR B 129 19.59 18.87 -0.85
C THR B 129 21.01 18.80 -0.27
N ASP B 130 21.82 19.80 -0.63
CA ASP B 130 23.20 19.90 -0.15
C ASP B 130 23.31 20.17 1.34
N MSE B 131 22.42 20.98 1.90
CA MSE B 131 22.44 21.23 3.35
CA MSE B 131 22.46 21.23 3.35
C MSE B 131 22.10 19.96 4.11
O MSE B 131 22.65 19.68 5.17
CB MSE B 131 21.48 22.35 3.76
CB MSE B 131 21.53 22.38 3.76
CG MSE B 131 21.96 23.13 4.99
CG MSE B 131 22.15 23.77 3.59
SE MSE B 131 20.60 24.33 5.74
SE MSE B 131 23.97 23.95 4.35
CE MSE B 131 21.70 26.01 6.05
CE MSE B 131 23.76 22.92 6.01
N ASP B 132 21.19 19.16 3.54
CA ASP B 132 20.83 17.88 4.18
C ASP B 132 22.07 16.99 4.19
N VAL B 133 22.71 16.88 3.03
CA VAL B 133 23.89 16.07 2.89
C VAL B 133 25.01 16.60 3.78
N ASN B 134 25.11 17.92 3.92
CA ASN B 134 26.09 18.50 4.84
C ASN B 134 25.87 18.06 6.28
N HIS B 135 24.63 18.17 6.74
CA HIS B 135 24.28 17.81 8.12
C HIS B 135 24.59 16.34 8.33
N PHE B 136 24.24 15.53 7.35
CA PHE B 136 24.51 14.12 7.43
C PHE B 136 26.01 13.84 7.63
N LEU B 137 26.83 14.56 6.87
CA LEU B 137 28.29 14.34 6.91
C LEU B 137 28.86 14.73 8.24
N ARG B 138 28.38 15.84 8.79
CA ARG B 138 28.76 16.25 10.15
C ARG B 138 28.48 15.15 11.16
N ARG B 139 27.24 14.65 11.16
CA ARG B 139 26.79 13.66 12.16
C ARG B 139 27.41 12.30 11.94
N TYR B 140 27.60 11.94 10.68
CA TYR B 140 28.27 10.70 10.31
C TYR B 140 29.66 10.64 10.96
N LYS B 141 30.42 11.74 10.81
CA LYS B 141 31.74 11.89 11.44
C LYS B 141 31.70 11.80 12.96
N MSE B 142 30.65 12.30 13.57
CA MSE B 142 30.51 12.25 15.03
C MSE B 142 30.33 10.84 15.51
O MSE B 142 30.99 10.39 16.43
CB MSE B 142 29.30 13.05 15.48
CG MSE B 142 29.20 14.39 14.80
SE MSE B 142 28.51 15.81 15.90
CE MSE B 142 30.28 17.01 16.01
N THR B 143 29.41 10.14 14.86
CA THR B 143 29.07 8.79 15.26
C THR B 143 30.23 7.82 15.01
N LEU B 144 30.96 8.04 13.92
CA LEU B 144 32.09 7.17 13.59
C LEU B 144 33.01 6.91 14.78
N SER B 145 33.15 7.92 15.65
CA SER B 145 33.99 7.82 16.85
C SER B 145 33.43 6.86 17.90
N LYS B 146 32.15 6.54 17.83
CA LYS B 146 31.46 5.74 18.84
C LYS B 146 31.26 4.27 18.43
N VAL B 147 31.59 3.93 17.20
CA VAL B 147 31.20 2.62 16.67
C VAL B 147 32.41 1.82 16.23
N ASP B 148 32.21 0.52 16.16
CA ASP B 148 33.29 -0.42 15.81
C ASP B 148 33.24 -0.76 14.32
N CYS B 149 32.06 -0.78 13.73
CA CYS B 149 31.93 -0.93 12.29
C CYS B 149 30.71 -0.22 11.75
N VAL B 150 30.65 -0.09 10.43
CA VAL B 150 29.58 0.63 9.74
C VAL B 150 29.02 -0.20 8.60
N VAL B 151 27.71 -0.18 8.42
CA VAL B 151 27.07 -0.84 7.30
C VAL B 151 26.44 0.22 6.44
N ILE B 152 26.97 0.37 5.23
CA ILE B 152 26.43 1.32 4.26
C ILE B 152 25.81 0.46 3.22
N SER B 153 24.49 0.54 3.06
CA SER B 153 23.86 -0.31 2.06
C SER B 153 22.56 0.28 1.55
N GLY B 154 22.24 -0.07 0.31
CA GLY B 154 20.97 0.27 -0.28
C GLY B 154 21.07 1.38 -1.28
N SER B 155 19.92 1.84 -1.74
CA SER B 155 19.82 2.86 -2.74
C SER B 155 20.04 4.23 -2.14
N ILE B 156 20.13 5.20 -3.04
CA ILE B 156 20.55 6.54 -2.78
C ILE B 156 19.41 7.42 -3.26
N PRO B 157 18.94 8.38 -2.43
CA PRO B 157 17.78 9.13 -2.85
C PRO B 157 18.10 10.14 -3.94
N PRO B 158 17.06 10.60 -4.66
CA PRO B 158 17.20 11.66 -5.66
C PRO B 158 17.82 12.90 -5.03
N GLY B 159 18.72 13.55 -5.75
CA GLY B 159 19.38 14.75 -5.22
C GLY B 159 20.84 14.50 -4.88
N VAL B 160 21.10 13.39 -4.18
CA VAL B 160 22.43 13.08 -3.66
C VAL B 160 23.42 12.70 -4.78
N ASN B 161 24.63 13.25 -4.72
CA ASN B 161 25.71 12.81 -5.62
C ASN B 161 26.02 11.34 -5.38
N GLU B 162 26.13 10.55 -6.46
CA GLU B 162 26.43 9.12 -6.37
C GLU B 162 27.82 8.84 -5.75
N GLY B 163 28.69 9.83 -5.78
CA GLY B 163 30.00 9.74 -5.12
C GLY B 163 29.98 9.75 -3.61
N ILE B 164 28.81 9.97 -3.02
CA ILE B 164 28.71 10.14 -1.57
C ILE B 164 29.14 8.91 -0.75
N CYS B 165 28.79 7.71 -1.21
CA CYS B 165 29.18 6.49 -0.48
C CYS B 165 30.69 6.29 -0.47
N ASN B 166 31.33 6.77 -1.52
CA ASN B 166 32.78 6.82 -1.55
C ASN B 166 33.30 7.65 -0.40
N GLU B 167 32.70 8.81 -0.18
CA GLU B 167 33.09 9.65 0.96
C GLU B 167 32.81 8.96 2.28
N LEU B 168 31.67 8.30 2.39
CA LEU B 168 31.34 7.54 3.59
C LEU B 168 32.33 6.43 3.89
N VAL B 169 32.70 5.68 2.85
CA VAL B 169 33.67 4.60 3.00
C VAL B 169 35.00 5.20 3.40
N ARG B 170 35.36 6.29 2.71
CA ARG B 170 36.65 6.95 2.90
C ARG B 170 36.80 7.46 4.33
N LEU B 171 35.81 8.23 4.78
CA LEU B 171 35.82 8.76 6.13
C LEU B 171 35.93 7.63 7.13
N ALA B 172 35.11 6.61 6.94
CA ALA B 172 35.12 5.42 7.81
C ALA B 172 36.50 4.73 7.89
N ARG B 173 37.12 4.40 6.74
CA ARG B 173 38.38 3.63 6.75
C ARG B 173 39.55 4.43 7.27
N GLU B 174 39.61 5.71 6.91
CA GLU B 174 40.64 6.62 7.42
C GLU B 174 40.61 6.71 8.95
N ARG B 175 39.46 6.39 9.52
CA ARG B 175 39.23 6.49 10.95
C ARG B 175 39.39 5.11 11.62
N GLY B 176 39.88 4.11 10.89
CA GLY B 176 40.00 2.76 11.42
C GLY B 176 38.70 2.00 11.66
N VAL B 177 37.60 2.41 11.02
CA VAL B 177 36.33 1.72 11.19
C VAL B 177 36.11 0.68 10.08
N PHE B 178 35.83 -0.56 10.49
CA PHE B 178 35.59 -1.68 9.58
C PHE B 178 34.30 -1.47 8.79
N VAL B 179 34.36 -1.56 7.46
CA VAL B 179 33.22 -1.20 6.62
C VAL B 179 32.58 -2.37 5.87
N PHE B 180 31.25 -2.48 5.99
CA PHE B 180 30.45 -3.42 5.21
C PHE B 180 29.67 -2.62 4.18
N VAL B 181 29.66 -3.08 2.93
CA VAL B 181 28.86 -2.44 1.88
C VAL B 181 28.07 -3.47 1.04
N GLU B 182 26.76 -3.25 0.94
CA GLU B 182 25.89 -3.96 0.01
C GLU B 182 25.21 -2.91 -0.89
N GLN B 183 25.64 -2.84 -2.14
CA GLN B 183 25.04 -1.93 -3.13
C GLN B 183 25.05 -2.54 -4.52
N THR B 184 24.33 -1.88 -5.44
CA THR B 184 24.30 -2.30 -6.86
C THR B 184 25.64 -1.99 -7.54
N PRO B 185 25.89 -2.63 -8.70
CA PRO B 185 27.11 -2.39 -9.48
C PRO B 185 27.37 -0.93 -9.85
N ARG B 186 26.37 -0.24 -10.40
CA ARG B 186 26.54 1.17 -10.78
C ARG B 186 27.12 1.96 -9.61
N LEU B 187 26.53 1.81 -8.41
CA LEU B 187 27.05 2.47 -7.20
C LEU B 187 28.40 1.92 -6.72
N LEU B 188 28.64 0.60 -6.82
CA LEU B 188 29.95 0.02 -6.41
C LEU B 188 31.10 0.48 -7.30
N GLU B 189 30.85 0.55 -8.60
CA GLU B 189 31.82 1.12 -9.57
C GLU B 189 32.38 2.44 -9.02
N ARG B 190 31.50 3.22 -8.41
CA ARG B 190 31.86 4.52 -7.84
C ARG B 190 32.66 4.42 -6.53
N ILE B 191 32.37 3.41 -5.70
CA ILE B 191 33.14 3.17 -4.46
C ILE B 191 34.56 2.70 -4.77
N TYR B 192 34.68 1.80 -5.74
CA TYR B 192 36.00 1.25 -6.08
C TYR B 192 36.89 2.18 -6.92
N GLU B 193 36.44 3.40 -7.22
CA GLU B 193 37.36 4.42 -7.71
C GLU B 193 38.20 4.90 -6.54
N GLY B 194 37.52 5.35 -5.49
CA GLY B 194 38.11 6.18 -4.44
C GLY B 194 39.21 5.46 -3.71
N PRO B 195 39.99 6.21 -2.93
CA PRO B 195 41.24 5.71 -2.40
C PRO B 195 41.04 4.66 -1.30
N GLU B 196 39.90 4.69 -0.63
CA GLU B 196 39.60 3.69 0.37
C GLU B 196 38.51 2.75 -0.13
N PHE B 197 38.43 1.59 0.52
CA PHE B 197 37.56 0.52 0.06
C PHE B 197 36.90 -0.21 1.22
N PRO B 198 35.71 -0.77 0.99
CA PRO B 198 35.06 -1.59 2.00
C PRO B 198 35.93 -2.76 2.45
N ASN B 199 35.81 -3.12 3.72
CA ASN B 199 36.39 -4.36 4.18
C ASN B 199 35.62 -5.56 3.61
N VAL B 200 34.30 -5.50 3.73
CA VAL B 200 33.41 -6.56 3.24
C VAL B 200 32.48 -5.97 2.20
N VAL B 201 32.39 -6.59 1.03
CA VAL B 201 31.48 -6.13 -0.03
C VAL B 201 30.56 -7.26 -0.47
N LYS B 202 29.27 -6.95 -0.56
CA LYS B 202 28.26 -7.90 -1.02
C LYS B 202 27.42 -7.23 -2.08
N PRO B 203 27.79 -7.37 -3.34
CA PRO B 203 27.03 -6.76 -4.43
C PRO B 203 25.56 -7.20 -4.52
N ASP B 204 24.66 -6.23 -4.69
CA ASP B 204 23.26 -6.48 -5.01
C ASP B 204 23.14 -6.68 -6.52
N LEU B 205 23.03 -7.94 -6.91
CA LEU B 205 22.83 -8.31 -8.28
C LEU B 205 21.35 -8.63 -8.62
N ARG B 206 20.41 -8.29 -7.72
CA ARG B 206 18.99 -8.49 -8.01
C ARG B 206 18.63 -7.75 -9.30
N GLY B 207 18.10 -8.49 -10.28
CA GLY B 207 17.73 -7.92 -11.58
C GLY B 207 18.83 -7.22 -12.35
N ASN B 208 20.08 -7.60 -12.10
CA ASN B 208 21.22 -7.03 -12.81
C ASN B 208 21.32 -7.62 -14.22
N HIS B 209 21.42 -6.73 -15.21
CA HIS B 209 21.79 -7.09 -16.58
C HIS B 209 23.05 -6.33 -17.00
N ALA B 210 23.57 -5.49 -16.10
CA ALA B 210 24.70 -4.62 -16.37
C ALA B 210 26.03 -5.37 -16.14
N SER B 211 27.04 -5.01 -16.94
CA SER B 211 28.42 -5.46 -16.70
C SER B 211 28.87 -4.91 -15.36
N PHE B 212 30.02 -5.39 -14.88
CA PHE B 212 30.53 -4.94 -13.60
C PHE B 212 32.04 -5.15 -13.44
N LEU B 213 32.76 -4.03 -13.26
CA LEU B 213 34.23 -4.00 -13.22
C LEU B 213 34.84 -4.64 -14.45
N GLY B 214 34.28 -4.31 -15.61
CA GLY B 214 34.78 -4.83 -16.90
C GLY B 214 34.64 -6.34 -17.03
N VAL B 215 33.65 -6.90 -16.33
CA VAL B 215 33.33 -8.33 -16.34
C VAL B 215 31.86 -8.42 -16.77
N ASP B 216 31.56 -9.15 -17.85
CA ASP B 216 30.18 -9.44 -18.23
C ASP B 216 29.80 -10.85 -17.72
N LEU B 217 28.74 -10.93 -16.94
CA LEU B 217 28.50 -12.08 -16.06
C LEU B 217 27.60 -13.20 -16.61
N LYS B 218 28.14 -14.05 -17.48
CA LYS B 218 27.35 -15.18 -18.01
C LYS B 218 27.72 -16.54 -17.36
N THR B 219 29.00 -16.90 -17.38
CA THR B 219 29.48 -18.20 -16.86
C THR B 219 29.85 -18.15 -15.38
N PHE B 220 30.07 -19.32 -14.76
CA PHE B 220 30.50 -19.38 -13.33
C PHE B 220 31.87 -18.74 -13.13
N ASP B 221 32.75 -18.89 -14.12
CA ASP B 221 34.10 -18.33 -14.05
C ASP B 221 34.05 -16.81 -14.01
N ASP B 222 33.03 -16.22 -14.65
CA ASP B 222 32.85 -14.78 -14.64
C ASP B 222 32.55 -14.28 -13.25
N TYR B 223 31.64 -14.97 -12.54
CA TYR B 223 31.26 -14.58 -11.17
C TYR B 223 32.42 -14.74 -10.21
N VAL B 224 33.18 -15.82 -10.39
CA VAL B 224 34.37 -16.06 -9.58
C VAL B 224 35.32 -14.91 -9.83
N LYS B 225 35.52 -14.57 -11.11
CA LYS B 225 36.51 -13.57 -11.50
C LYS B 225 36.10 -12.20 -10.96
N LEU B 226 34.79 -11.91 -10.96
CA LEU B 226 34.26 -10.71 -10.30
C LEU B 226 34.52 -10.72 -8.80
N ALA B 227 34.32 -11.86 -8.14
CA ALA B 227 34.59 -11.94 -6.70
C ALA B 227 36.08 -11.69 -6.44
N GLU B 228 36.91 -12.22 -7.30
CA GLU B 228 38.36 -12.05 -7.17
C GLU B 228 38.79 -10.59 -7.34
N LYS B 229 38.20 -9.88 -8.31
CA LYS B 229 38.52 -8.47 -8.54
C LYS B 229 38.22 -7.63 -7.30
N LEU B 230 37.07 -7.89 -6.68
CA LEU B 230 36.67 -7.19 -5.46
C LEU B 230 37.57 -7.56 -4.29
N ALA B 231 37.95 -8.84 -4.20
CA ALA B 231 38.83 -9.32 -3.13
C ALA B 231 40.23 -8.69 -3.18
N GLU B 232 40.59 -8.08 -4.31
CA GLU B 232 41.85 -7.38 -4.42
C GLU B 232 41.93 -6.14 -3.52
N LYS B 233 40.85 -5.36 -3.46
CA LYS B 233 40.85 -4.11 -2.67
C LYS B 233 40.06 -4.21 -1.37
N SER B 234 39.03 -5.04 -1.36
CA SER B 234 38.35 -5.38 -0.13
C SER B 234 38.89 -6.69 0.43
N GLN B 235 38.74 -6.89 1.73
CA GLN B 235 39.23 -8.11 2.38
C GLN B 235 38.33 -9.31 2.07
N VAL B 236 37.02 -9.12 1.97
CA VAL B 236 36.14 -10.20 1.54
C VAL B 236 34.99 -9.77 0.62
N SER B 237 34.78 -10.51 -0.45
CA SER B 237 33.62 -10.33 -1.32
C SER B 237 32.70 -11.55 -1.18
N VAL B 238 31.40 -11.30 -1.11
CA VAL B 238 30.40 -12.34 -1.14
C VAL B 238 29.50 -12.05 -2.34
N VAL B 239 29.53 -12.93 -3.34
CA VAL B 239 28.93 -12.68 -4.63
C VAL B 239 27.94 -13.79 -4.97
N SER B 240 26.68 -13.40 -5.16
CA SER B 240 25.57 -14.31 -5.33
C SER B 240 25.59 -15.00 -6.68
N TYR B 241 25.16 -16.25 -6.71
CA TYR B 241 25.24 -17.06 -7.90
C TYR B 241 24.07 -18.02 -7.91
N GLU B 242 23.33 -18.01 -9.01
CA GLU B 242 22.13 -18.82 -9.21
C GLU B 242 21.23 -18.79 -7.99
N VAL B 243 20.93 -17.57 -7.55
CA VAL B 243 19.94 -17.31 -6.53
C VAL B 243 20.26 -17.90 -5.15
N LYS B 244 20.58 -19.19 -5.07
CA LYS B 244 20.74 -19.85 -3.77
C LYS B 244 22.18 -20.21 -3.38
N ASN B 245 23.14 -19.53 -3.98
CA ASN B 245 24.52 -19.79 -3.67
C ASN B 245 25.31 -18.49 -3.56
N ASP B 246 26.42 -18.53 -2.83
CA ASP B 246 27.29 -17.35 -2.74
C ASP B 246 28.74 -17.74 -2.87
N ILE B 247 29.47 -16.99 -3.70
CA ILE B 247 30.89 -17.19 -3.88
C ILE B 247 31.57 -16.27 -2.92
N VAL B 248 32.51 -16.80 -2.15
CA VAL B 248 33.21 -16.03 -1.14
C VAL B 248 34.69 -15.97 -1.50
N ALA B 249 35.24 -14.76 -1.63
CA ALA B 249 36.64 -14.57 -2.05
C ALA B 249 37.39 -13.71 -1.06
N THR B 250 38.54 -14.20 -0.60
CA THR B 250 39.46 -13.44 0.24
C THR B 250 40.87 -13.50 -0.35
N ARG B 251 41.82 -12.90 0.33
CA ARG B 251 43.21 -12.92 -0.14
C ARG B 251 43.73 -14.36 -0.20
N GLU B 252 43.22 -15.24 0.66
CA GLU B 252 43.68 -16.63 0.74
C GLU B 252 43.08 -17.56 -0.32
N GLY B 253 41.87 -17.29 -0.79
CA GLY B 253 41.23 -18.19 -1.74
C GLY B 253 39.75 -17.90 -1.94
N VAL B 254 39.08 -18.82 -2.64
CA VAL B 254 37.71 -18.65 -3.06
C VAL B 254 36.87 -19.86 -2.70
N TRP B 255 35.73 -19.61 -2.05
CA TRP B 255 34.81 -20.64 -1.61
C TRP B 255 33.42 -20.46 -2.27
N LEU B 256 32.64 -21.53 -2.26
CA LEU B 256 31.26 -21.50 -2.73
C LEU B 256 30.35 -22.11 -1.68
N ILE B 257 29.43 -21.30 -1.15
CA ILE B 257 28.42 -21.75 -0.21
C ILE B 257 27.14 -22.03 -0.99
N ARG B 258 26.58 -23.20 -0.81
CA ARG B 258 25.40 -23.64 -1.55
C ARG B 258 24.28 -24.10 -0.63
N SER B 259 23.07 -23.59 -0.82
CA SER B 259 21.91 -24.17 -0.13
C SER B 259 21.78 -25.58 -0.63
N LYS B 260 21.49 -26.52 0.27
CA LYS B 260 21.26 -27.93 -0.10
C LYS B 260 19.94 -28.11 -0.81
N GLU B 261 18.98 -27.23 -0.55
CA GLU B 261 17.65 -27.30 -1.12
C GLU B 261 17.32 -26.04 -1.84
N GLU B 262 16.33 -26.15 -2.71
CA GLU B 262 15.75 -24.98 -3.34
C GLU B 262 15.13 -24.13 -2.26
N ILE B 263 15.20 -22.82 -2.44
CA ILE B 263 14.65 -21.88 -1.48
C ILE B 263 13.32 -21.33 -2.03
N ASP B 264 12.41 -20.94 -1.12
CA ASP B 264 11.18 -20.34 -1.54
C ASP B 264 11.46 -18.91 -1.98
N THR B 265 11.33 -18.69 -3.28
CA THR B 265 11.68 -17.42 -3.88
C THR B 265 10.72 -16.27 -3.46
N SER B 266 9.51 -16.63 -3.03
CA SER B 266 8.59 -15.64 -2.49
C SER B 266 8.89 -15.22 -1.05
N HIS B 267 9.75 -15.96 -0.38
CA HIS B 267 10.09 -15.65 1.02
C HIS B 267 11.35 -14.76 1.17
N LEU B 268 11.83 -14.20 0.07
CA LEU B 268 13.15 -13.57 0.04
C LEU B 268 13.29 -12.13 0.57
N LEU B 269 12.17 -11.46 0.88
CA LEU B 269 12.20 -10.04 1.26
C LEU B 269 13.03 -9.81 2.52
N GLY B 270 14.13 -9.06 2.36
CA GLY B 270 15.05 -8.76 3.46
C GLY B 270 15.98 -9.92 3.85
N ALA B 271 16.00 -11.00 3.08
CA ALA B 271 16.95 -12.09 3.36
C ALA B 271 18.39 -11.58 3.28
N GLY B 272 18.65 -10.74 2.27
CA GLY B 272 19.97 -10.19 2.07
C GLY B 272 20.45 -9.29 3.19
N ASP B 273 19.50 -8.71 3.92
CA ASP B 273 19.81 -7.83 5.04
C ASP B 273 20.06 -8.65 6.27
N ALA B 274 19.33 -9.75 6.42
CA ALA B 274 19.68 -10.77 7.41
C ALA B 274 21.09 -11.34 7.14
N TYR B 275 21.47 -11.48 5.86
CA TYR B 275 22.83 -11.91 5.50
C TYR B 275 23.86 -10.96 6.08
N VAL B 276 23.65 -9.67 5.88
CA VAL B 276 24.63 -8.72 6.28
C VAL B 276 24.62 -8.68 7.81
N ALA B 277 23.44 -8.69 8.42
CA ALA B 277 23.38 -8.62 9.90
C ALA B 277 24.15 -9.77 10.53
N GLY B 278 24.02 -10.97 9.96
CA GLY B 278 24.78 -12.13 10.42
C GLY B 278 26.27 -11.88 10.39
N MSE B 279 26.79 -11.51 9.23
CA MSE B 279 28.22 -11.21 9.07
C MSE B 279 28.70 -10.21 10.10
O MSE B 279 29.79 -10.36 10.66
CB MSE B 279 28.52 -10.65 7.69
CG MSE B 279 28.10 -11.57 6.58
SE MSE B 279 29.05 -11.27 4.91
CE MSE B 279 30.86 -11.72 5.50
N VAL B 280 27.88 -9.18 10.34
CA VAL B 280 28.16 -8.18 11.36
C VAL B 280 28.17 -8.80 12.76
N TYR B 281 27.15 -9.60 13.08
CA TYR B 281 27.06 -10.26 14.37
C TYR B 281 28.29 -11.12 14.63
N TYR B 282 28.64 -11.94 13.66
CA TYR B 282 29.81 -12.79 13.76
C TYR B 282 31.06 -11.96 14.04
N PHE B 283 31.24 -10.91 13.25
CA PHE B 283 32.40 -10.02 13.38
C PHE B 283 32.52 -9.50 14.83
N ILE B 284 31.43 -8.94 15.34
CA ILE B 284 31.39 -8.43 16.71
C ILE B 284 31.64 -9.48 17.76
N LYS B 285 30.93 -10.60 17.69
CA LYS B 285 31.06 -11.63 18.70
C LYS B 285 32.34 -12.46 18.59
N HIS B 286 32.82 -12.71 17.37
CA HIS B 286 33.93 -13.65 17.17
C HIS B 286 35.13 -13.11 16.38
N GLY B 287 35.09 -11.86 15.94
CA GLY B 287 36.22 -11.28 15.18
C GLY B 287 36.20 -11.54 13.67
N ALA B 288 37.31 -11.15 13.03
CA ALA B 288 37.45 -11.08 11.57
C ALA B 288 37.80 -12.39 10.86
N ASN B 289 37.14 -13.50 11.22
CA ASN B 289 37.25 -14.76 10.46
C ASN B 289 36.24 -14.77 9.29
N PHE B 290 36.70 -14.30 8.14
CA PHE B 290 35.85 -13.96 7.02
C PHE B 290 34.96 -15.09 6.50
N LEU B 291 35.52 -16.27 6.28
CA LEU B 291 34.72 -17.38 5.75
C LEU B 291 33.58 -17.71 6.71
N GLU B 292 33.85 -17.74 8.02
CA GLU B 292 32.80 -18.08 8.99
C GLU B 292 31.77 -16.99 9.07
N MSE B 293 32.22 -15.75 8.91
CA MSE B 293 31.28 -14.64 8.84
C MSE B 293 30.31 -14.87 7.69
O MSE B 293 29.11 -14.75 7.86
CB MSE B 293 31.98 -13.32 8.61
CG MSE B 293 32.68 -12.73 9.82
SE MSE B 293 33.73 -11.13 9.29
CE MSE B 293 32.45 -10.45 8.05
N ALA B 294 30.85 -15.20 6.51
CA ALA B 294 30.05 -15.44 5.31
C ALA B 294 29.07 -16.58 5.52
N LYS B 295 29.55 -17.59 6.24
CA LYS B 295 28.74 -18.77 6.54
C LYS B 295 27.58 -18.43 7.48
N PHE B 296 27.88 -17.72 8.57
CA PHE B 296 26.85 -17.35 9.53
C PHE B 296 25.82 -16.44 8.88
N GLY B 297 26.29 -15.52 8.05
CA GLY B 297 25.40 -14.72 7.20
C GLY B 297 24.51 -15.59 6.31
N PHE B 298 25.08 -16.60 5.68
CA PHE B 298 24.30 -17.49 4.81
C PHE B 298 23.24 -18.25 5.60
N ALA B 299 23.63 -18.74 6.77
CA ALA B 299 22.73 -19.46 7.63
C ALA B 299 21.57 -18.52 8.02
N SER B 300 21.93 -17.26 8.28
CA SER B 300 20.96 -16.27 8.65
C SER B 300 20.02 -15.97 7.48
N ALA B 301 20.59 -15.80 6.28
CA ALA B 301 19.75 -15.56 5.08
C ALA B 301 18.74 -16.71 4.85
N LEU B 302 19.20 -17.94 5.04
CA LEU B 302 18.34 -19.10 4.90
C LEU B 302 17.20 -19.11 5.92
N ALA B 303 17.50 -18.78 7.16
CA ALA B 303 16.49 -18.73 8.20
C ALA B 303 15.43 -17.69 7.82
N ALA B 304 15.86 -16.54 7.30
CA ALA B 304 14.94 -15.52 6.86
C ALA B 304 13.99 -16.04 5.77
N THR B 305 14.48 -16.92 4.90
CA THR B 305 13.65 -17.44 3.81
C THR B 305 12.63 -18.50 4.28
N ARG B 306 12.65 -18.87 5.55
CA ARG B 306 11.65 -19.82 6.07
C ARG B 306 10.29 -19.16 6.37
N ARG B 307 10.18 -17.86 6.20
CA ARG B 307 8.92 -17.18 6.42
C ARG B 307 8.60 -16.22 5.28
N LYS B 308 7.32 -16.08 4.98
CA LYS B 308 6.91 -15.24 3.86
C LYS B 308 7.14 -13.74 4.12
N GLU B 309 7.08 -13.35 5.40
CA GLU B 309 7.30 -11.95 5.80
C GLU B 309 8.76 -11.59 5.63
N LYS B 310 8.99 -10.28 5.62
CA LYS B 310 10.27 -9.73 5.97
C LYS B 310 10.52 -10.17 7.44
N TYR B 311 11.42 -11.12 7.61
CA TYR B 311 11.65 -11.72 8.91
C TYR B 311 13.17 -11.70 9.16
N MSE B 312 13.58 -11.09 10.26
CA MSE B 312 14.97 -11.16 10.67
C MSE B 312 15.06 -12.27 11.71
O MSE B 312 14.38 -12.19 12.72
CB MSE B 312 15.44 -9.82 11.24
CG MSE B 312 15.34 -8.62 10.28
SE MSE B 312 16.15 -8.85 8.45
CE MSE B 312 14.45 -9.01 7.48
N PRO B 313 15.87 -13.29 11.48
CA PRO B 313 15.90 -14.45 12.36
C PRO B 313 16.63 -14.22 13.68
N ASP B 314 16.28 -15.00 14.70
CA ASP B 314 17.04 -15.02 15.95
C ASP B 314 18.13 -16.11 15.92
N LEU B 315 18.96 -16.16 16.96
CA LEU B 315 20.15 -17.03 17.00
C LEU B 315 19.75 -18.50 16.82
N GLU B 316 18.74 -18.93 17.58
CA GLU B 316 18.14 -20.26 17.43
C GLU B 316 17.95 -20.59 15.95
N ALA B 317 17.12 -19.79 15.28
CA ALA B 317 16.76 -19.99 13.89
C ALA B 317 17.98 -20.05 12.97
N ILE B 318 18.97 -19.19 13.22
CA ILE B 318 20.16 -19.14 12.39
C ILE B 318 20.94 -20.43 12.56
N LYS B 319 21.18 -20.83 13.81
CA LYS B 319 21.99 -22.04 14.08
C LYS B 319 21.39 -23.30 13.43
N LYS B 320 20.07 -23.42 13.48
CA LYS B 320 19.41 -24.58 12.90
C LYS B 320 19.64 -24.67 11.37
N GLU B 321 20.03 -23.57 10.73
CA GLU B 321 20.29 -23.63 9.29
C GLU B 321 21.66 -24.17 8.94
N TYR B 322 22.50 -24.45 9.95
CA TYR B 322 23.86 -24.89 9.66
C TYR B 322 23.94 -26.24 8.96
N ASP B 323 22.91 -27.07 9.08
CA ASP B 323 22.87 -28.34 8.37
C ASP B 323 22.21 -28.24 6.99
N HIS B 324 21.83 -27.05 6.55
CA HIS B 324 21.13 -26.91 5.27
C HIS B 324 21.99 -26.29 4.16
N PHE B 325 23.29 -26.14 4.41
CA PHE B 325 24.20 -25.74 3.35
C PHE B 325 25.54 -26.49 3.41
N THR B 326 26.29 -26.37 2.32
CA THR B 326 27.60 -26.96 2.16
C THR B 326 28.54 -25.86 1.76
N VAL B 327 29.83 -26.06 1.98
CA VAL B 327 30.85 -25.16 1.50
C VAL B 327 31.84 -25.99 0.70
N GLU B 328 32.09 -25.61 -0.54
CA GLU B 328 33.13 -26.21 -1.37
C GLU B 328 34.25 -25.16 -1.50
N ARG B 329 35.50 -25.64 -1.56
CA ARG B 329 36.60 -24.75 -1.86
C ARG B 329 36.83 -24.70 -3.36
N VAL B 330 36.79 -23.49 -3.92
CA VAL B 330 36.95 -23.29 -5.36
C VAL B 330 38.40 -23.10 -5.74
N LYS B 331 39.08 -22.15 -5.09
CA LYS B 331 40.54 -21.93 -5.23
C LYS B 331 41.15 -21.86 -3.82
MG MG C . -12.09 7.47 -13.12
C ACT D . -13.31 3.01 -2.19
O ACT D . -12.26 2.34 -1.82
OXT ACT D . -13.16 4.15 -2.75
CH3 ACT D . -14.71 2.53 -1.93
MG MG E . 11.11 -13.97 4.61
C ACT F . 13.31 -2.72 1.58
O ACT F . 12.99 -3.28 2.70
OXT ACT F . 12.40 -2.09 0.91
CH3 ACT F . 14.72 -2.76 1.06
#